data_4NA6
#
_entry.id   4NA6
#
_cell.length_a   91.599
_cell.length_b   66.978
_cell.length_c   101.548
_cell.angle_alpha   90.000
_cell.angle_beta   98.000
_cell.angle_gamma   90.000
#
_symmetry.space_group_name_H-M   'P 1 21 1'
#
loop_
_entity.id
_entity.type
_entity.pdbx_description
1 polymer 'Poly(ADP-ribose) glycohydrolase'
2 non-polymer 'SULFATE ION'
#
_entity_poly.entity_id   1
_entity_poly.type   'polypeptide(L)'
_entity_poly.pdbx_seq_one_letter_code
;GNLPPEKKWLGTPIEEMRKMPRCGIHLPSLRPSASHTVTVRVDLLRAGEVPKPFPTHYKDLWDNKHVKMPCSEQNLYPVE
DENGERTAGSRWELIQTALLNKFTRPQNLKDAILKYNVAYSKKWDFTALVDFWDKVLEEAEAQHLYQSILPDMVKIALCL
PNICTQPIPLLKQKMNHSVTMSQEQIASLLANAFFCTFPRRNAKMKSEYSSYPDINFNRLFEGRSSRKPEKLKTLFCYFR
RVTEKKPTGLVTFTRQSLEDFPEWERCEKPLTRLHVTYEGTIEGNGRGMLQVDFANRFVGGGVTGAGLVQENIRFLINPE
LIVSRLFTEVLDHNECLIITGTEQYSEYTGYAETYRWARSHEDGSEKDDWQRRCTEIVAIDALHFRRYLDQFVPEKVRRE
LNKAYCGFLRPGVPSENLSAVATGNWGCGAFGGDARLKALIQILAAAAAERDVVYFTFGDSELMRDIYSMHTFLTERKLD
VGKVYKLLLRYYNEECRNCSTPGPDIKLYPFIYHAVESSAET
;
_entity_poly.pdbx_strand_id   A,B
#
loop_
_chem_comp.id
_chem_comp.type
_chem_comp.name
_chem_comp.formula
SO4 non-polymer 'SULFATE ION' 'O4 S -2'
#
# COMPACT_ATOMS: atom_id res chain seq x y z
N PRO A 5 -14.05 1.57 -45.97
CA PRO A 5 -13.32 2.81 -45.76
C PRO A 5 -12.56 2.84 -44.42
N GLU A 6 -13.14 2.22 -43.40
CA GLU A 6 -12.53 2.06 -42.06
C GLU A 6 -12.90 3.18 -41.09
N LYS A 7 -13.38 2.77 -39.91
CA LYS A 7 -13.87 3.69 -38.88
C LYS A 7 -12.74 4.46 -38.20
N LYS A 8 -13.08 5.55 -37.52
CA LYS A 8 -12.10 6.39 -36.86
C LYS A 8 -11.77 5.89 -35.46
N TRP A 9 -12.72 5.19 -34.85
CA TRP A 9 -12.54 4.61 -33.51
C TRP A 9 -13.31 3.30 -33.36
N LEU A 10 -12.85 2.46 -32.44
CA LEU A 10 -13.45 1.14 -32.21
C LEU A 10 -13.51 0.80 -30.73
N GLY A 11 -14.51 -0.01 -30.35
CA GLY A 11 -14.64 -0.49 -28.98
C GLY A 11 -15.69 0.28 -28.21
N THR A 12 -15.41 0.53 -26.93
CA THR A 12 -16.27 1.32 -26.07
C THR A 12 -16.20 2.79 -26.47
N PRO A 13 -17.35 3.48 -26.56
CA PRO A 13 -17.36 4.93 -26.76
C PRO A 13 -16.63 5.65 -25.64
N ILE A 14 -15.73 6.56 -26.02
CA ILE A 14 -14.86 7.31 -25.10
C ILE A 14 -15.60 8.06 -23.98
N GLU A 15 -16.84 8.49 -24.23
CA GLU A 15 -17.61 9.21 -23.23
C GLU A 15 -18.22 8.29 -22.14
N GLU A 16 -18.02 6.99 -22.29
CA GLU A 16 -18.45 6.01 -21.28
C GLU A 16 -17.30 5.63 -20.34
N MET A 17 -16.11 6.14 -20.63
CA MET A 17 -14.94 5.88 -19.79
C MET A 17 -14.93 6.80 -18.57
N ARG A 18 -14.50 6.25 -17.44
CA ARG A 18 -14.35 7.02 -16.21
C ARG A 18 -13.29 8.11 -16.38
N LYS A 19 -13.62 9.33 -15.96
CA LYS A 19 -12.69 10.45 -16.08
C LYS A 19 -12.80 11.44 -14.92
N MET A 20 -11.70 12.11 -14.62
CA MET A 20 -11.68 13.17 -13.61
C MET A 20 -12.32 14.45 -14.15
N PRO A 21 -12.96 15.25 -13.29
CA PRO A 21 -13.12 15.04 -11.84
C PRO A 21 -14.36 14.23 -11.43
N ARG A 22 -15.16 13.80 -12.40
CA ARG A 22 -16.39 13.07 -12.12
C ARG A 22 -16.17 11.78 -11.30
N CYS A 23 -15.25 10.95 -11.75
CA CYS A 23 -15.03 9.63 -11.14
C CYS A 23 -14.25 9.71 -9.82
N GLY A 24 -13.62 10.87 -9.59
CA GLY A 24 -12.76 11.09 -8.44
C GLY A 24 -13.28 10.71 -7.06
N ILE A 25 -12.34 10.29 -6.22
CA ILE A 25 -12.63 10.00 -4.82
C ILE A 25 -12.78 11.32 -4.07
N HIS A 26 -13.49 11.29 -2.94
CA HIS A 26 -13.58 12.48 -2.08
C HIS A 26 -12.26 12.66 -1.35
N LEU A 27 -11.50 13.67 -1.77
CA LEU A 27 -10.22 13.99 -1.14
C LEU A 27 -10.40 14.40 0.32
N PRO A 28 -9.61 13.81 1.22
CA PRO A 28 -9.54 14.29 2.61
C PRO A 28 -8.81 15.62 2.64
N SER A 29 -8.80 16.29 3.80
CA SER A 29 -8.04 17.53 3.94
C SER A 29 -6.58 17.30 3.57
N LEU A 30 -6.03 18.25 2.82
CA LEU A 30 -4.61 18.23 2.47
C LEU A 30 -3.80 18.57 3.72
N ARG A 31 -2.86 17.70 4.06
CA ARG A 31 -2.04 17.88 5.26
C ARG A 31 -0.69 17.20 5.18
N PRO A 32 0.34 17.81 5.81
CA PRO A 32 1.66 17.19 5.85
C PRO A 32 1.63 15.90 6.67
N SER A 33 2.33 14.88 6.17
CA SER A 33 2.51 13.61 6.86
C SER A 33 3.88 13.05 6.53
N ALA A 34 4.21 11.93 7.14
CA ALA A 34 5.48 11.22 6.86
C ALA A 34 5.70 11.00 5.37
N SER A 35 4.61 10.72 4.65
CA SER A 35 4.67 10.41 3.21
C SER A 35 4.19 11.55 2.32
N HIS A 36 3.91 12.71 2.90
CA HIS A 36 3.47 13.87 2.12
C HIS A 36 4.05 15.19 2.59
N THR A 37 4.87 15.79 1.75
CA THR A 37 5.42 17.12 1.98
C THR A 37 4.51 18.16 1.31
N VAL A 38 4.00 19.10 2.11
CA VAL A 38 3.13 20.17 1.62
C VAL A 38 3.78 21.52 1.89
N THR A 39 4.09 22.26 0.82
CA THR A 39 4.88 23.49 0.95
C THR A 39 4.03 24.76 1.04
N VAL A 40 2.71 24.59 1.18
CA VAL A 40 1.78 25.72 1.21
C VAL A 40 0.86 25.67 2.44
N ARG A 41 0.30 26.82 2.79
CA ARG A 41 -0.68 26.93 3.87
C ARG A 41 -2.01 26.37 3.43
N VAL A 42 -2.38 25.20 3.95
CA VAL A 42 -3.62 24.54 3.55
C VAL A 42 -4.87 25.27 4.05
N ASP A 43 -4.83 25.76 5.29
CA ASP A 43 -5.95 26.49 5.87
C ASP A 43 -6.28 27.78 5.10
N LEU A 44 -5.27 28.36 4.46
CA LEU A 44 -5.43 29.60 3.69
C LEU A 44 -5.58 29.38 2.18
N LEU A 45 -5.68 28.12 1.76
CA LEU A 45 -5.83 27.77 0.34
C LEU A 45 -7.23 28.14 -0.16
N ARG A 46 -7.28 29.05 -1.14
CA ARG A 46 -8.54 29.52 -1.72
C ARG A 46 -8.51 29.48 -3.24
N ALA A 47 -9.63 29.09 -3.85
CA ALA A 47 -9.75 28.97 -5.31
C ALA A 47 -9.51 30.27 -6.06
N GLY A 48 -8.57 30.22 -7.01
CA GLY A 48 -8.20 31.38 -7.83
C GLY A 48 -7.37 32.42 -7.11
N GLU A 49 -6.74 32.02 -6.01
CA GLU A 49 -5.88 32.89 -5.22
C GLU A 49 -4.52 32.22 -5.07
N VAL A 50 -3.47 33.02 -5.21
CA VAL A 50 -2.08 32.53 -5.14
C VAL A 50 -1.77 32.03 -3.73
N PRO A 51 -1.38 30.74 -3.60
CA PRO A 51 -1.13 30.09 -2.30
C PRO A 51 0.01 30.74 -1.53
N LYS A 52 -0.20 30.92 -0.23
CA LYS A 52 0.83 31.44 0.65
C LYS A 52 1.75 30.29 1.06
N PRO A 53 3.06 30.56 1.20
CA PRO A 53 4.00 29.48 1.57
C PRO A 53 3.92 29.07 3.04
N PHE A 54 4.33 27.84 3.31
CA PHE A 54 4.55 27.35 4.68
C PHE A 54 5.90 26.63 4.74
N PRO A 55 6.77 27.06 5.67
CA PRO A 55 6.51 28.07 6.69
C PRO A 55 6.51 29.49 6.11
N THR A 56 6.33 30.49 6.96
CA THR A 56 6.27 31.89 6.52
C THR A 56 7.64 32.38 6.03
N HIS A 57 8.69 32.09 6.79
CA HIS A 57 10.04 32.54 6.45
C HIS A 57 10.92 31.36 6.06
N TYR A 58 11.94 31.66 5.24
CA TYR A 58 12.83 30.66 4.67
C TYR A 58 13.53 29.80 5.72
N LYS A 59 13.37 28.48 5.60
CA LYS A 59 14.23 27.56 6.34
C LYS A 59 15.13 26.79 5.38
N ASP A 60 16.38 26.65 5.75
CA ASP A 60 17.36 25.97 4.90
C ASP A 60 17.84 24.65 5.49
N LEU A 61 17.88 23.65 4.62
CA LEU A 61 18.54 22.38 4.90
C LEU A 61 19.54 22.10 3.78
N TRP A 62 20.81 22.04 4.14
CA TRP A 62 21.88 21.72 3.20
C TRP A 62 22.43 20.34 3.55
N ASP A 63 21.71 19.31 3.11
CA ASP A 63 22.07 17.91 3.40
C ASP A 63 21.79 17.00 2.21
N ASN A 64 22.01 15.70 2.39
CA ASN A 64 21.91 14.75 1.29
C ASN A 64 20.50 14.19 1.06
N LYS A 65 19.54 14.68 1.84
CA LYS A 65 18.15 14.23 1.75
C LYS A 65 17.25 15.31 1.15
N HIS A 66 17.81 16.49 0.92
CA HIS A 66 17.03 17.61 0.38
C HIS A 66 17.72 18.27 -0.80
N VAL A 67 16.94 19.00 -1.60
CA VAL A 67 17.48 19.75 -2.72
C VAL A 67 18.43 20.82 -2.20
N LYS A 68 19.64 20.83 -2.76
CA LYS A 68 20.63 21.86 -2.45
C LYS A 68 20.26 23.17 -3.15
N MET A 69 19.64 24.04 -2.36
CA MET A 69 19.03 25.28 -2.82
C MET A 69 20.10 26.33 -3.16
N PRO A 70 19.89 27.14 -4.22
CA PRO A 70 20.88 28.15 -4.58
C PRO A 70 20.92 29.35 -3.62
N CYS A 71 19.79 29.64 -2.97
CA CYS A 71 19.70 30.74 -2.02
C CYS A 71 20.21 30.40 -0.62
N SER A 72 20.78 29.20 -0.47
CA SER A 72 21.32 28.74 0.81
C SER A 72 22.58 29.49 1.25
N GLU A 73 22.67 29.71 2.56
CA GLU A 73 23.81 30.35 3.19
C GLU A 73 25.10 29.54 3.02
N GLN A 74 24.95 28.26 2.71
CA GLN A 74 26.08 27.35 2.55
C GLN A 74 26.50 27.11 1.09
N ASN A 75 25.80 27.78 0.16
CA ASN A 75 26.23 27.80 -1.24
C ASN A 75 27.32 28.83 -1.43
N LEU A 76 28.56 28.34 -1.62
CA LEU A 76 29.75 29.19 -1.54
C LEU A 76 30.58 29.25 -2.82
N TYR A 77 31.29 30.37 -3.01
CA TYR A 77 32.11 30.63 -4.19
C TYR A 77 33.26 31.57 -3.82
N PRO A 78 34.39 31.49 -4.57
CA PRO A 78 35.50 32.44 -4.38
C PRO A 78 35.11 33.91 -4.51
N ALA A 88 36.13 33.41 0.02
CA ALA A 88 34.96 32.52 0.02
C ALA A 88 33.72 33.24 0.55
N GLY A 89 32.67 33.30 -0.28
CA GLY A 89 31.48 34.07 0.04
C GLY A 89 30.18 33.53 -0.54
N SER A 90 29.10 34.30 -0.34
CA SER A 90 27.75 33.88 -0.73
C SER A 90 27.57 33.87 -2.24
N ARG A 91 27.35 32.66 -2.77
CA ARG A 91 27.11 32.49 -4.20
C ARG A 91 25.78 33.09 -4.62
N TRP A 92 24.84 33.17 -3.68
CA TRP A 92 23.52 33.71 -3.95
C TRP A 92 23.58 35.23 -4.15
N GLU A 93 24.40 35.90 -3.33
CA GLU A 93 24.59 37.33 -3.46
C GLU A 93 25.32 37.68 -4.77
N LEU A 94 26.15 36.75 -5.23
CA LEU A 94 26.80 36.87 -6.54
C LEU A 94 25.77 36.68 -7.68
N ILE A 95 24.87 35.72 -7.50
CA ILE A 95 23.78 35.46 -8.46
C ILE A 95 22.91 36.71 -8.61
N GLN A 96 22.66 37.38 -7.48
CA GLN A 96 21.87 38.61 -7.46
C GLN A 96 22.54 39.77 -8.22
N THR A 97 23.84 39.96 -8.00
CA THR A 97 24.61 41.02 -8.68
C THR A 97 24.72 40.76 -10.20
N ALA A 98 24.88 39.49 -10.56
CA ALA A 98 24.97 39.07 -11.97
C ALA A 98 23.66 39.24 -12.74
N LEU A 99 22.53 39.01 -12.07
CA LEU A 99 21.22 39.04 -12.72
C LEU A 99 20.50 40.41 -12.69
N LEU A 100 20.84 41.25 -11.71
CA LEU A 100 20.25 42.59 -11.61
C LEU A 100 20.96 43.58 -12.56
N ASN A 101 20.99 43.22 -13.84
CA ASN A 101 21.61 44.01 -14.88
C ASN A 101 20.72 44.14 -16.10
N LYS A 102 20.98 45.16 -16.91
CA LYS A 102 20.28 45.35 -18.18
C LYS A 102 20.76 44.31 -19.19
N PHE A 103 19.81 43.66 -19.84
CA PHE A 103 20.12 42.83 -21.01
C PHE A 103 19.68 43.57 -22.26
N THR A 104 20.57 43.60 -23.26
CA THR A 104 20.28 44.25 -24.53
C THR A 104 20.82 43.40 -25.68
N ARG A 105 21.71 42.48 -25.33
CA ARG A 105 22.36 41.58 -26.28
C ARG A 105 22.47 40.21 -25.65
N PRO A 106 22.39 39.13 -26.46
CA PRO A 106 22.51 37.76 -25.94
C PRO A 106 23.76 37.49 -25.11
N GLN A 107 24.86 38.20 -25.41
CA GLN A 107 26.11 38.01 -24.69
C GLN A 107 26.03 38.49 -23.24
N ASN A 108 25.20 39.50 -22.97
CA ASN A 108 24.97 39.97 -21.61
C ASN A 108 24.45 38.85 -20.72
N LEU A 109 23.43 38.15 -21.20
CA LEU A 109 22.85 37.01 -20.50
C LEU A 109 23.86 35.86 -20.34
N LYS A 110 24.67 35.63 -21.37
CA LYS A 110 25.76 34.66 -21.30
C LYS A 110 26.72 35.05 -20.17
N ASP A 111 27.18 36.29 -20.18
CA ASP A 111 28.12 36.78 -19.17
C ASP A 111 27.52 36.86 -17.76
N ALA A 112 26.19 37.01 -17.69
CA ALA A 112 25.49 37.01 -16.41
C ALA A 112 25.49 35.61 -15.80
N ILE A 113 25.05 34.63 -16.58
CA ILE A 113 24.99 33.23 -16.17
C ILE A 113 26.39 32.67 -15.87
N LEU A 114 27.39 33.14 -16.62
CA LEU A 114 28.75 32.66 -16.43
C LEU A 114 29.46 33.22 -15.19
N LYS A 115 28.98 34.34 -14.66
CA LYS A 115 29.60 34.96 -13.49
C LYS A 115 29.60 34.08 -12.23
N TYR A 116 28.59 33.21 -12.11
CA TYR A 116 28.53 32.24 -11.02
C TYR A 116 28.73 30.80 -11.53
N ASN A 117 29.40 30.69 -12.68
CA ASN A 117 29.70 29.40 -13.33
C ASN A 117 31.01 29.48 -14.12
N VAL A 118 32.01 30.08 -13.49
CA VAL A 118 33.30 30.38 -14.13
C VAL A 118 33.98 29.13 -14.70
N ALA A 119 33.73 27.97 -14.08
CA ALA A 119 34.34 26.70 -14.50
C ALA A 119 33.76 26.14 -15.81
N TYR A 120 32.61 26.68 -16.23
CA TYR A 120 31.95 26.18 -17.43
C TYR A 120 31.94 27.21 -18.57
N SER A 121 32.80 28.21 -18.48
CA SER A 121 32.90 29.25 -19.50
C SER A 121 33.32 28.69 -20.86
N LYS A 122 34.18 27.65 -20.85
CA LYS A 122 34.64 27.01 -22.08
C LYS A 122 33.71 25.87 -22.53
N LYS A 123 32.94 25.33 -21.59
CA LYS A 123 32.11 24.15 -21.86
C LYS A 123 30.68 24.49 -22.27
N TRP A 124 30.15 25.61 -21.78
CA TRP A 124 28.79 26.02 -22.08
C TRP A 124 28.73 26.96 -23.28
N ASP A 125 28.23 26.42 -24.39
CA ASP A 125 28.06 27.17 -25.63
C ASP A 125 26.72 27.91 -25.60
N PHE A 126 26.71 29.14 -26.09
CA PHE A 126 25.51 29.96 -26.08
C PHE A 126 25.04 30.35 -27.48
N THR A 127 25.56 29.66 -28.49
CA THR A 127 25.27 29.92 -29.90
C THR A 127 23.79 29.82 -30.26
N ALA A 128 23.11 28.81 -29.72
CA ALA A 128 21.67 28.63 -29.98
C ALA A 128 20.85 29.77 -29.38
N LEU A 129 21.31 30.32 -28.26
CA LEU A 129 20.67 31.47 -27.64
C LEU A 129 20.88 32.73 -28.47
N VAL A 130 22.12 32.95 -28.91
CA VAL A 130 22.47 34.09 -29.77
C VAL A 130 21.65 34.08 -31.07
N ASP A 131 21.62 32.94 -31.74
CA ASP A 131 20.92 32.80 -33.02
C ASP A 131 19.40 32.87 -32.91
N PHE A 132 18.86 32.49 -31.75
CA PHE A 132 17.43 32.64 -31.46
C PHE A 132 17.08 34.10 -31.24
N TRP A 133 17.97 34.79 -30.53
CA TRP A 133 17.81 36.19 -30.18
C TRP A 133 17.83 37.08 -31.42
N ASP A 134 18.72 36.77 -32.36
CA ASP A 134 18.98 37.63 -33.51
C ASP A 134 18.32 37.20 -34.83
N LYS A 135 18.18 35.89 -35.04
CA LYS A 135 17.72 35.37 -36.34
C LYS A 135 16.26 34.91 -36.32
N VAL A 136 15.88 34.17 -35.27
CA VAL A 136 14.57 33.55 -35.19
C VAL A 136 13.48 34.55 -34.76
N LEU A 137 13.68 35.20 -33.61
CA LEU A 137 12.76 36.21 -33.12
C LEU A 137 12.71 37.42 -34.04
N GLU A 138 11.52 37.96 -34.27
CA GLU A 138 11.38 39.23 -34.98
C GLU A 138 11.73 40.38 -34.05
N GLU A 139 12.07 41.53 -34.62
CA GLU A 139 12.57 42.67 -33.86
C GLU A 139 11.74 42.98 -32.61
N ALA A 140 10.43 43.07 -32.78
CA ALA A 140 9.50 43.38 -31.68
C ALA A 140 9.40 42.25 -30.65
N GLU A 141 9.45 41.00 -31.14
CA GLU A 141 9.47 39.81 -30.27
C GLU A 141 10.72 39.79 -29.40
N ALA A 142 11.85 40.12 -30.01
CA ALA A 142 13.14 40.15 -29.32
C ALA A 142 13.24 41.28 -28.31
N GLN A 143 12.72 42.46 -28.68
CA GLN A 143 12.68 43.61 -27.78
C GLN A 143 11.89 43.29 -26.52
N HIS A 144 10.70 42.74 -26.70
CA HIS A 144 9.82 42.32 -25.60
C HIS A 144 10.50 41.31 -24.67
N LEU A 145 11.39 40.49 -25.21
CA LEU A 145 12.07 39.47 -24.42
C LEU A 145 13.06 40.06 -23.41
N TYR A 146 13.93 40.98 -23.85
CA TYR A 146 14.91 41.57 -22.94
C TYR A 146 14.42 42.79 -22.14
N GLN A 147 13.29 43.38 -22.57
CA GLN A 147 12.70 44.52 -21.87
C GLN A 147 11.74 44.07 -20.76
N SER A 148 11.12 42.90 -20.93
CA SER A 148 10.05 42.47 -20.04
C SER A 148 10.23 41.04 -19.53
N ILE A 149 10.22 40.08 -20.44
CA ILE A 149 10.25 38.66 -20.07
C ILE A 149 11.48 38.32 -19.20
N LEU A 150 12.66 38.67 -19.67
CA LEU A 150 13.89 38.39 -18.95
C LEU A 150 14.00 39.09 -17.58
N PRO A 151 13.74 40.41 -17.50
CA PRO A 151 13.73 41.04 -16.18
C PRO A 151 12.64 40.51 -15.23
N ASP A 152 11.51 40.10 -15.79
CA ASP A 152 10.43 39.52 -14.97
C ASP A 152 10.75 38.11 -14.45
N MET A 153 11.48 37.34 -15.25
CA MET A 153 12.00 36.04 -14.81
C MET A 153 13.09 36.20 -13.76
N VAL A 154 13.94 37.22 -13.92
CA VAL A 154 14.96 37.52 -12.93
C VAL A 154 14.32 37.79 -11.57
N LYS A 155 13.30 38.65 -11.55
CA LYS A 155 12.62 39.04 -10.31
C LYS A 155 12.01 37.87 -9.55
N ILE A 156 11.35 36.95 -10.26
CA ILE A 156 10.77 35.76 -9.62
C ILE A 156 11.83 34.72 -9.26
N ALA A 157 13.00 34.77 -9.92
CA ALA A 157 14.10 33.86 -9.60
C ALA A 157 14.79 34.27 -8.30
N LEU A 158 14.92 35.58 -8.08
CA LEU A 158 15.58 36.10 -6.88
C LEU A 158 14.65 36.12 -5.68
N CYS A 159 13.36 35.94 -5.92
CA CYS A 159 12.36 35.83 -4.86
C CYS A 159 12.19 34.39 -4.36
N LEU A 160 13.04 33.49 -4.84
CA LEU A 160 13.00 32.08 -4.45
C LEU A 160 12.99 31.82 -2.93
N PRO A 161 13.85 32.52 -2.15
CA PRO A 161 13.83 32.26 -0.69
C PRO A 161 12.56 32.75 0.00
N ASN A 162 11.85 33.68 -0.64
CA ASN A 162 10.56 34.15 -0.13
C ASN A 162 9.40 33.30 -0.64
N ILE A 163 9.61 32.63 -1.76
CA ILE A 163 8.56 31.84 -2.42
C ILE A 163 8.63 30.35 -2.02
N CYS A 164 9.81 29.75 -2.17
CA CYS A 164 10.04 28.38 -1.72
C CYS A 164 10.73 28.39 -0.36
N THR A 165 9.94 28.35 0.70
CA THR A 165 10.46 28.48 2.06
C THR A 165 10.79 27.14 2.72
N GLN A 166 10.10 26.08 2.30
CA GLN A 166 10.31 24.76 2.87
C GLN A 166 11.30 23.94 2.06
N PRO A 167 12.27 23.29 2.74
CA PRO A 167 13.24 22.41 2.08
C PRO A 167 12.53 21.26 1.35
N ILE A 168 12.92 21.04 0.11
CA ILE A 168 12.28 20.05 -0.75
C ILE A 168 13.03 18.72 -0.67
N PRO A 169 12.33 17.66 -0.23
CA PRO A 169 12.95 16.34 -0.14
C PRO A 169 13.27 15.76 -1.51
N LEU A 170 14.39 15.04 -1.59
CA LEU A 170 14.76 14.33 -2.80
C LEU A 170 13.95 13.05 -2.85
N LEU A 171 13.23 12.84 -3.95
CA LEU A 171 12.52 11.59 -4.17
C LEU A 171 13.52 10.53 -4.63
N LYS A 172 14.09 9.82 -3.67
CA LYS A 172 15.11 8.82 -3.92
C LYS A 172 14.48 7.50 -4.31
N GLN A 173 15.27 6.62 -4.93
CA GLN A 173 14.81 5.27 -5.21
C GLN A 173 14.32 4.58 -3.94
N LYS A 174 13.24 3.80 -4.09
CA LYS A 174 12.62 3.03 -3.00
C LYS A 174 11.64 3.84 -2.15
N MET A 175 11.56 5.14 -2.42
CA MET A 175 10.67 6.00 -1.63
C MET A 175 9.26 6.02 -2.19
N ASN A 176 8.30 5.96 -1.27
CA ASN A 176 6.90 6.15 -1.60
C ASN A 176 6.43 7.43 -0.93
N HIS A 177 6.62 8.55 -1.64
CA HIS A 177 6.49 9.87 -1.06
C HIS A 177 5.91 10.86 -2.07
N SER A 178 5.15 11.83 -1.56
CA SER A 178 4.55 12.88 -2.37
C SER A 178 5.04 14.26 -1.94
N VAL A 179 5.13 15.17 -2.91
CA VAL A 179 5.41 16.58 -2.64
C VAL A 179 4.38 17.42 -3.36
N THR A 180 3.58 18.16 -2.59
CA THR A 180 2.61 19.09 -3.14
C THR A 180 3.13 20.51 -2.98
N MET A 181 3.33 21.17 -4.11
CA MET A 181 3.75 22.56 -4.13
C MET A 181 2.86 23.36 -5.08
N SER A 182 2.96 24.68 -5.01
CA SER A 182 2.18 25.55 -5.88
C SER A 182 2.85 25.70 -7.24
N GLN A 183 2.07 26.09 -8.24
CA GLN A 183 2.60 26.40 -9.56
C GLN A 183 3.56 27.58 -9.48
N GLU A 184 3.22 28.57 -8.65
CA GLU A 184 4.04 29.77 -8.45
C GLU A 184 5.44 29.42 -7.91
N GLN A 185 5.48 28.45 -7.01
CA GLN A 185 6.75 27.93 -6.49
C GLN A 185 7.57 27.31 -7.61
N ILE A 186 6.92 26.49 -8.44
CA ILE A 186 7.56 25.87 -9.60
C ILE A 186 8.11 26.92 -10.57
N ALA A 187 7.31 27.94 -10.84
CA ALA A 187 7.74 29.05 -11.69
C ALA A 187 9.07 29.65 -11.24
N SER A 188 9.23 29.81 -9.94
CA SER A 188 10.44 30.39 -9.35
C SER A 188 11.60 29.41 -9.46
N LEU A 189 11.31 28.12 -9.29
CA LEU A 189 12.32 27.06 -9.41
C LEU A 189 12.81 26.89 -10.85
N LEU A 190 11.88 26.84 -11.80
CA LEU A 190 12.24 26.76 -13.22
C LEU A 190 12.98 28.01 -13.71
N ALA A 191 12.56 29.18 -13.25
CA ALA A 191 13.26 30.42 -13.56
C ALA A 191 14.72 30.34 -13.10
N ASN A 192 14.92 29.81 -11.90
CA ASN A 192 16.26 29.53 -11.41
C ASN A 192 17.01 28.51 -12.27
N ALA A 193 16.29 27.48 -12.73
CA ALA A 193 16.85 26.48 -13.63
C ALA A 193 17.24 27.07 -14.99
N PHE A 194 16.51 28.09 -15.43
CA PHE A 194 16.83 28.81 -16.66
C PHE A 194 18.19 29.49 -16.58
N PHE A 195 18.41 30.18 -15.46
CA PHE A 195 19.63 30.93 -15.24
C PHE A 195 20.77 30.07 -14.69
N CYS A 196 20.51 28.77 -14.56
CA CYS A 196 21.54 27.80 -14.16
C CYS A 196 22.13 28.08 -12.77
N THR A 197 21.24 28.31 -11.80
CA THR A 197 21.64 28.71 -10.45
C THR A 197 21.88 27.54 -9.50
N PHE A 198 21.29 26.38 -9.80
CA PHE A 198 21.34 25.21 -8.92
C PHE A 198 22.74 24.62 -8.80
N PRO A 199 23.30 24.63 -7.58
CA PRO A 199 24.65 24.13 -7.33
C PRO A 199 24.73 22.59 -7.28
N ARG A 200 25.92 22.05 -7.53
CA ARG A 200 26.22 20.61 -7.48
C ARG A 200 25.57 19.81 -8.60
N ARG A 201 24.96 20.50 -9.56
CA ARG A 201 24.18 19.83 -10.61
C ARG A 201 24.85 19.83 -11.99
N ASN A 202 26.06 20.40 -12.06
CA ASN A 202 26.69 20.68 -13.35
C ASN A 202 27.85 19.77 -13.75
N ALA A 203 28.66 19.35 -12.79
CA ALA A 203 29.89 18.60 -13.06
C ALA A 203 29.68 17.24 -13.71
N LYS A 204 30.59 16.88 -14.60
CA LYS A 204 30.58 15.58 -15.27
C LYS A 204 30.99 14.48 -14.28
N MET A 205 31.94 14.79 -13.40
CA MET A 205 32.39 13.85 -12.37
C MET A 205 31.79 14.15 -10.99
N LYS A 206 30.57 14.67 -10.97
CA LYS A 206 29.84 14.87 -9.72
C LYS A 206 29.40 13.52 -9.16
N SER A 207 29.17 13.46 -7.84
CA SER A 207 28.88 12.20 -7.18
C SER A 207 27.47 12.11 -6.62
N GLU A 208 27.09 13.10 -5.81
CA GLU A 208 25.80 13.10 -5.13
C GLU A 208 24.61 13.08 -6.11
N TYR A 209 24.71 13.86 -7.18
CA TYR A 209 23.61 13.98 -8.13
C TYR A 209 23.88 13.27 -9.47
N SER A 210 24.85 12.38 -9.50
CA SER A 210 25.19 11.62 -10.71
C SER A 210 24.00 10.79 -11.23
N SER A 211 23.20 10.26 -10.31
CA SER A 211 22.01 9.48 -10.64
C SER A 211 20.74 10.32 -10.66
N TYR A 212 20.88 11.59 -11.00
CA TYR A 212 19.75 12.50 -11.21
C TYR A 212 19.91 13.16 -12.58
N PRO A 213 18.79 13.55 -13.21
CA PRO A 213 18.93 14.28 -14.47
C PRO A 213 19.38 15.70 -14.22
N ASP A 214 19.93 16.33 -15.26
CA ASP A 214 20.30 17.74 -15.20
C ASP A 214 19.06 18.58 -14.97
N ILE A 215 19.19 19.66 -14.20
CA ILE A 215 18.11 20.60 -14.00
C ILE A 215 18.39 21.95 -14.65
N ASN A 216 19.65 22.38 -14.64
CA ASN A 216 20.02 23.65 -15.25
C ASN A 216 19.86 23.61 -16.77
N PHE A 217 19.35 24.71 -17.33
CA PHE A 217 18.92 24.80 -18.73
C PHE A 217 20.04 25.11 -19.73
N ASN A 218 21.29 24.99 -19.30
CA ASN A 218 22.44 25.36 -20.13
C ASN A 218 22.47 24.70 -21.52
N ARG A 219 21.98 23.46 -21.61
CA ARG A 219 22.03 22.72 -22.86
C ARG A 219 21.09 23.26 -23.94
N LEU A 220 20.09 24.05 -23.52
CA LEU A 220 19.16 24.66 -24.45
C LEU A 220 19.77 25.84 -25.20
N PHE A 221 20.95 26.26 -24.76
CA PHE A 221 21.62 27.41 -25.35
C PHE A 221 22.72 27.03 -26.35
N GLU A 222 23.06 25.74 -26.41
CA GLU A 222 24.21 25.28 -27.20
C GLU A 222 23.86 24.76 -28.59
N GLY A 223 24.83 24.84 -29.50
CA GLY A 223 24.76 24.15 -30.79
C GLY A 223 24.20 24.96 -31.95
N ARG A 224 24.09 24.30 -33.10
CA ARG A 224 23.57 24.91 -34.33
C ARG A 224 22.34 24.17 -34.86
N SER A 225 21.69 23.39 -33.99
CA SER A 225 20.49 22.63 -34.37
C SER A 225 19.22 23.47 -34.41
N SER A 226 18.30 23.11 -35.29
CA SER A 226 17.03 23.79 -35.45
C SER A 226 15.99 23.36 -34.39
N ARG A 227 16.34 22.37 -33.58
CA ARG A 227 15.48 21.92 -32.50
C ARG A 227 15.47 22.92 -31.33
N LYS A 228 16.61 23.55 -31.11
CA LYS A 228 16.82 24.46 -29.98
C LYS A 228 15.90 25.69 -29.96
N PRO A 229 15.76 26.43 -31.09
CA PRO A 229 14.86 27.58 -31.09
C PRO A 229 13.41 27.21 -30.77
N GLU A 230 12.97 26.03 -31.23
CA GLU A 230 11.63 25.56 -30.95
C GLU A 230 11.38 25.32 -29.46
N LYS A 231 12.38 24.73 -28.79
CA LYS A 231 12.29 24.49 -27.35
C LYS A 231 12.27 25.80 -26.58
N LEU A 232 12.99 26.80 -27.09
CA LEU A 232 13.02 28.12 -26.47
C LEU A 232 11.73 28.89 -26.68
N LYS A 233 11.15 28.78 -27.88
CA LYS A 233 9.84 29.35 -28.15
C LYS A 233 8.80 28.82 -27.17
N THR A 234 8.87 27.51 -26.90
CA THR A 234 7.89 26.82 -26.10
C THR A 234 7.99 27.22 -24.63
N LEU A 235 9.22 27.40 -24.15
CA LEU A 235 9.46 27.74 -22.75
C LEU A 235 9.24 29.22 -22.46
N PHE A 236 9.62 30.07 -23.41
CA PHE A 236 9.40 31.51 -23.26
C PHE A 236 7.93 31.87 -23.29
N CYS A 237 7.15 31.09 -24.03
CA CYS A 237 5.70 31.16 -23.98
C CYS A 237 5.23 30.97 -22.53
N TYR A 238 5.69 29.88 -21.90
CA TYR A 238 5.37 29.57 -20.51
C TYR A 238 5.75 30.70 -19.54
N PHE A 239 7.01 31.13 -19.61
CA PHE A 239 7.52 32.19 -18.76
C PHE A 239 6.76 33.51 -18.96
N ARG A 240 6.41 33.81 -20.21
CA ARG A 240 5.58 34.98 -20.50
C ARG A 240 4.27 34.94 -19.71
N ARG A 241 3.59 33.80 -19.74
CA ARG A 241 2.28 33.64 -19.09
C ARG A 241 2.43 33.80 -17.58
N VAL A 242 3.40 33.08 -17.02
CA VAL A 242 3.61 33.00 -15.59
C VAL A 242 3.99 34.35 -14.96
N THR A 243 4.76 35.15 -15.70
CA THR A 243 5.19 36.45 -15.21
C THR A 243 4.13 37.54 -15.38
N GLU A 244 3.24 37.37 -16.36
CA GLU A 244 2.15 38.33 -16.60
C GLU A 244 0.91 38.05 -15.74
N LYS A 245 0.55 36.77 -15.64
CA LYS A 245 -0.59 36.33 -14.85
C LYS A 245 -0.18 35.11 -14.00
N LYS A 246 0.01 35.33 -12.70
CA LYS A 246 0.49 34.29 -11.79
C LYS A 246 -0.51 33.13 -11.64
N PRO A 247 -0.02 31.89 -11.75
CA PRO A 247 -0.88 30.72 -11.61
C PRO A 247 -1.24 30.49 -10.14
N THR A 248 -2.43 29.94 -9.88
CA THR A 248 -2.97 29.84 -8.51
C THR A 248 -3.16 28.41 -7.98
N GLY A 249 -2.93 27.42 -8.83
CA GLY A 249 -3.18 26.03 -8.46
C GLY A 249 -2.03 25.37 -7.74
N LEU A 250 -2.22 24.10 -7.41
CA LEU A 250 -1.19 23.25 -6.82
C LEU A 250 -0.84 22.09 -7.76
N VAL A 251 0.35 21.53 -7.55
CA VAL A 251 0.81 20.36 -8.31
C VAL A 251 1.42 19.36 -7.33
N THR A 252 1.09 18.09 -7.51
CA THR A 252 1.59 17.01 -6.66
C THR A 252 2.55 16.10 -7.44
N PHE A 253 3.68 15.77 -6.81
CA PHE A 253 4.66 14.85 -7.40
C PHE A 253 4.79 13.64 -6.50
N THR A 254 4.35 12.48 -7.00
CA THR A 254 4.37 11.26 -6.22
C THR A 254 5.30 10.22 -6.86
N ARG A 255 6.28 9.75 -6.10
CA ARG A 255 7.06 8.59 -6.53
C ARG A 255 6.42 7.33 -5.96
N GLN A 256 6.08 6.39 -6.84
CA GLN A 256 5.58 5.10 -6.41
C GLN A 256 6.61 4.01 -6.68
N SER A 257 6.75 3.09 -5.73
CA SER A 257 7.73 2.02 -5.79
C SER A 257 7.16 0.76 -5.17
N LEU A 258 6.85 -0.22 -6.01
CA LEU A 258 6.27 -1.48 -5.56
C LEU A 258 7.31 -2.58 -5.42
N GLU A 259 7.21 -3.35 -4.35
CA GLU A 259 8.07 -4.51 -4.18
C GLU A 259 7.39 -5.76 -4.73
N ASP A 260 6.06 -5.82 -4.59
CA ASP A 260 5.27 -7.00 -4.98
C ASP A 260 4.43 -6.75 -6.21
N PHE A 261 4.28 -7.78 -7.03
CA PHE A 261 3.59 -7.68 -8.29
C PHE A 261 2.65 -8.86 -8.48
N PRO A 262 1.64 -8.71 -9.37
CA PRO A 262 0.76 -9.84 -9.68
C PRO A 262 1.57 -11.06 -10.09
N GLU A 263 1.11 -12.24 -9.69
CA GLU A 263 1.67 -13.48 -10.21
C GLU A 263 1.04 -13.69 -11.58
N TRP A 264 1.69 -13.12 -12.59
CA TRP A 264 1.11 -13.00 -13.94
C TRP A 264 0.56 -14.29 -14.53
N GLU A 265 1.24 -15.40 -14.28
CA GLU A 265 0.85 -16.71 -14.80
C GLU A 265 -0.51 -17.18 -14.24
N ARG A 266 -0.83 -16.77 -13.02
CA ARG A 266 -2.01 -17.26 -12.31
C ARG A 266 -3.09 -16.20 -12.05
N CYS A 267 -2.83 -14.97 -12.47
CA CYS A 267 -3.76 -13.85 -12.29
C CYS A 267 -5.12 -14.11 -12.96
N GLU A 268 -6.19 -14.00 -12.16
CA GLU A 268 -7.53 -14.37 -12.60
C GLU A 268 -8.39 -13.16 -12.95
N LYS A 269 -7.78 -11.99 -13.08
CA LYS A 269 -8.53 -10.77 -13.35
C LYS A 269 -8.94 -10.66 -14.81
N PRO A 270 -10.21 -10.31 -15.04
CA PRO A 270 -10.69 -10.20 -16.41
C PRO A 270 -10.13 -8.94 -17.06
N LEU A 271 -9.98 -9.01 -18.38
CA LEU A 271 -9.67 -7.84 -19.19
C LEU A 271 -10.75 -6.79 -19.02
N THR A 272 -10.38 -5.54 -19.22
CA THR A 272 -11.30 -4.43 -19.00
C THR A 272 -11.70 -3.80 -20.32
N ARG A 273 -12.33 -2.64 -20.26
CA ARG A 273 -12.85 -2.01 -21.47
C ARG A 273 -11.73 -1.34 -22.26
N LEU A 274 -11.93 -1.22 -23.56
CA LEU A 274 -10.96 -0.58 -24.45
C LEU A 274 -11.62 0.35 -25.46
N HIS A 275 -11.09 1.57 -25.57
CA HIS A 275 -11.41 2.45 -26.68
C HIS A 275 -10.13 2.69 -27.44
N VAL A 276 -10.13 2.35 -28.73
CA VAL A 276 -8.91 2.48 -29.53
C VAL A 276 -9.19 3.30 -30.78
N THR A 277 -8.29 4.24 -31.09
CA THR A 277 -8.49 5.17 -32.21
C THR A 277 -7.17 5.63 -32.83
N TYR A 278 -7.18 5.85 -34.14
CA TYR A 278 -5.99 6.34 -34.84
C TYR A 278 -5.99 7.87 -34.98
N GLU A 279 -7.09 8.49 -34.58
CA GLU A 279 -7.18 9.95 -34.50
C GLU A 279 -7.11 10.41 -33.04
N GLY A 280 -6.62 11.63 -32.82
CA GLY A 280 -6.59 12.23 -31.50
C GLY A 280 -5.23 12.16 -30.81
N THR A 281 -5.11 12.82 -29.67
CA THR A 281 -3.88 12.82 -28.88
C THR A 281 -4.16 12.45 -27.43
N ILE A 282 -3.13 11.99 -26.73
CA ILE A 282 -3.25 11.69 -25.30
C ILE A 282 -3.60 12.96 -24.52
N GLU A 283 -2.93 14.07 -24.83
CA GLU A 283 -3.12 15.32 -24.10
C GLU A 283 -4.43 16.03 -24.44
N GLY A 284 -4.87 15.87 -25.68
CA GLY A 284 -6.10 16.50 -26.15
C GLY A 284 -7.35 15.69 -25.88
N ASN A 285 -7.29 14.41 -26.21
CA ASN A 285 -8.47 13.54 -26.11
C ASN A 285 -8.53 12.67 -24.86
N GLY A 286 -7.43 12.61 -24.12
CA GLY A 286 -7.38 11.87 -22.85
C GLY A 286 -7.59 12.75 -21.64
N ARG A 287 -8.28 13.87 -21.82
CA ARG A 287 -8.56 14.82 -20.73
C ARG A 287 -9.33 14.18 -19.57
N GLY A 288 -8.80 14.34 -18.36
CA GLY A 288 -9.41 13.77 -17.16
C GLY A 288 -9.07 12.30 -16.95
N MET A 289 -8.18 11.76 -17.78
CA MET A 289 -7.76 10.37 -17.70
C MET A 289 -6.30 10.29 -17.27
N LEU A 290 -5.87 9.10 -16.85
CA LEU A 290 -4.46 8.88 -16.55
C LEU A 290 -3.67 8.86 -17.85
N GLN A 291 -2.84 9.88 -18.03
CA GLN A 291 -2.11 10.08 -19.27
C GLN A 291 -0.70 9.57 -19.14
N VAL A 292 -0.32 8.67 -20.04
CA VAL A 292 0.99 8.05 -20.00
C VAL A 292 2.03 8.92 -20.68
N ASP A 293 3.15 9.13 -19.98
CA ASP A 293 4.34 9.77 -20.53
C ASP A 293 5.34 8.67 -20.90
N PHE A 294 5.73 8.59 -22.17
CA PHE A 294 6.71 7.58 -22.61
C PHE A 294 8.12 7.97 -22.15
N ALA A 295 8.37 7.76 -20.87
CA ALA A 295 9.50 8.35 -20.18
C ALA A 295 10.84 7.69 -20.46
N ASN A 296 11.89 8.43 -20.14
CA ASN A 296 13.20 7.86 -19.93
C ASN A 296 13.33 7.65 -18.43
N ARG A 297 14.10 6.63 -18.03
CA ARG A 297 14.37 6.37 -16.60
C ARG A 297 14.77 7.65 -15.87
N PHE A 298 15.61 8.46 -16.52
CA PHE A 298 15.83 9.85 -16.11
C PHE A 298 14.69 10.69 -16.69
N VAL A 299 13.67 10.96 -15.88
CA VAL A 299 12.43 11.61 -16.35
C VAL A 299 12.66 12.94 -17.06
N GLY A 300 11.78 13.25 -18.01
CA GLY A 300 11.88 14.49 -18.77
C GLY A 300 12.88 14.49 -19.91
N GLY A 301 13.38 13.31 -20.28
CA GLY A 301 14.18 13.17 -21.49
C GLY A 301 15.65 12.79 -21.32
N GLY A 302 15.92 11.89 -20.37
CA GLY A 302 17.29 11.45 -20.13
C GLY A 302 18.07 12.44 -19.28
N VAL A 303 19.26 12.03 -18.86
CA VAL A 303 20.10 12.85 -17.98
C VAL A 303 20.23 14.25 -18.55
N THR A 304 20.25 14.32 -19.87
CA THR A 304 20.68 15.50 -20.58
C THR A 304 19.50 16.38 -21.06
N GLY A 305 18.36 15.75 -21.28
CA GLY A 305 17.16 16.44 -21.77
C GLY A 305 17.10 16.51 -23.28
N ALA A 306 17.90 15.68 -23.94
CA ALA A 306 18.02 15.70 -25.41
C ALA A 306 16.82 15.07 -26.11
N GLY A 307 16.50 15.59 -27.28
CA GLY A 307 15.41 15.05 -28.09
C GLY A 307 14.19 15.92 -28.13
N LEU A 308 13.33 15.67 -29.11
CA LEU A 308 12.00 16.26 -29.22
C LEU A 308 11.00 15.14 -29.47
N VAL A 309 11.04 14.14 -28.61
CA VAL A 309 10.19 12.95 -28.72
C VAL A 309 9.03 13.11 -27.71
N GLN A 310 8.11 12.14 -27.65
CA GLN A 310 6.90 12.28 -26.83
C GLN A 310 7.10 12.94 -25.45
N GLU A 311 8.04 12.40 -24.67
CA GLU A 311 8.30 12.92 -23.32
C GLU A 311 8.79 14.36 -23.36
N ASN A 312 9.79 14.62 -24.21
CA ASN A 312 10.36 15.95 -24.37
C ASN A 312 9.26 16.98 -24.64
N ILE A 313 8.34 16.60 -25.51
CA ILE A 313 7.26 17.49 -25.95
C ILE A 313 6.32 17.82 -24.78
N ARG A 314 5.89 16.80 -24.05
CA ARG A 314 4.95 17.02 -22.96
C ARG A 314 5.57 17.91 -21.88
N PHE A 315 6.86 17.72 -21.63
CA PHE A 315 7.60 18.52 -20.66
C PHE A 315 7.74 19.97 -21.09
N LEU A 316 7.77 20.21 -22.40
CA LEU A 316 7.84 21.56 -22.91
C LEU A 316 6.49 22.27 -22.89
N ILE A 317 5.43 21.56 -23.25
CA ILE A 317 4.09 22.14 -23.29
C ILE A 317 3.40 22.20 -21.90
N ASN A 318 3.79 21.31 -21.00
CA ASN A 318 3.45 21.41 -19.57
C ASN A 318 4.74 21.57 -18.75
N PRO A 319 5.36 22.77 -18.81
CA PRO A 319 6.72 22.97 -18.29
C PRO A 319 6.87 22.62 -16.82
N GLU A 320 5.80 22.77 -16.05
CA GLU A 320 5.83 22.47 -14.63
C GLU A 320 6.32 21.05 -14.33
N LEU A 321 6.19 20.16 -15.31
CA LEU A 321 6.72 18.80 -15.22
C LEU A 321 8.24 18.77 -15.11
N ILE A 322 8.91 19.75 -15.73
CA ILE A 322 10.37 19.83 -15.75
C ILE A 322 10.99 19.86 -14.35
N VAL A 323 10.31 20.52 -13.42
CA VAL A 323 10.85 20.67 -12.06
C VAL A 323 11.05 19.32 -11.37
N SER A 324 10.35 18.29 -11.85
CA SER A 324 10.51 16.94 -11.33
C SER A 324 11.95 16.43 -11.52
N ARG A 325 12.64 16.98 -12.52
CA ARG A 325 14.05 16.69 -12.76
C ARG A 325 14.98 17.22 -11.64
N LEU A 326 14.47 18.15 -10.83
CA LEU A 326 15.22 18.70 -9.71
C LEU A 326 15.38 17.70 -8.55
N PHE A 327 14.32 16.93 -8.28
CA PHE A 327 14.29 16.07 -7.08
C PHE A 327 13.95 14.61 -7.34
N THR A 328 13.86 14.20 -8.60
CA THR A 328 13.52 12.82 -8.92
C THR A 328 14.73 12.03 -9.40
N GLU A 329 15.16 11.08 -8.57
CA GLU A 329 16.28 10.19 -8.89
C GLU A 329 15.89 9.23 -9.99
N VAL A 330 16.89 8.80 -10.78
CA VAL A 330 16.68 7.82 -11.84
C VAL A 330 15.70 6.72 -11.39
N LEU A 331 14.69 6.46 -12.21
CA LEU A 331 13.70 5.46 -11.90
C LEU A 331 14.27 4.06 -12.04
N ASP A 332 13.99 3.20 -11.06
CA ASP A 332 14.36 1.79 -11.15
C ASP A 332 13.26 1.02 -11.86
N HIS A 333 13.49 -0.28 -12.10
CA HIS A 333 12.54 -1.15 -12.81
C HIS A 333 11.14 -1.16 -12.21
N ASN A 334 11.05 -1.02 -10.89
CA ASN A 334 9.78 -1.12 -10.18
C ASN A 334 9.20 0.22 -9.72
N GLU A 335 9.54 1.29 -10.42
CA GLU A 335 9.17 2.64 -9.98
C GLU A 335 8.55 3.49 -11.06
N CYS A 336 7.76 4.47 -10.64
CA CYS A 336 7.21 5.47 -11.53
C CYS A 336 7.07 6.82 -10.82
N LEU A 337 6.85 7.87 -11.60
CA LEU A 337 6.57 9.19 -11.05
C LEU A 337 5.20 9.63 -11.52
N ILE A 338 4.35 10.01 -10.57
CA ILE A 338 2.99 10.44 -10.85
C ILE A 338 2.85 11.92 -10.54
N ILE A 339 2.38 12.68 -11.53
CA ILE A 339 2.24 14.13 -11.41
C ILE A 339 0.82 14.58 -11.74
N THR A 340 0.17 15.16 -10.74
CA THR A 340 -1.20 15.64 -10.85
C THR A 340 -1.18 17.17 -10.75
N GLY A 341 -1.90 17.83 -11.66
CA GLY A 341 -2.16 19.27 -11.55
C GLY A 341 -1.45 20.22 -12.50
N THR A 342 -0.56 19.71 -13.35
CA THR A 342 0.19 20.57 -14.29
C THR A 342 -0.70 21.16 -15.38
N GLU A 343 -0.34 22.37 -15.79
CA GLU A 343 -1.10 23.17 -16.74
C GLU A 343 -0.42 23.09 -18.11
N GLN A 344 -1.23 23.07 -19.17
CA GLN A 344 -0.73 23.15 -20.53
C GLN A 344 -0.65 24.61 -20.94
N TYR A 345 0.53 25.03 -21.39
CA TYR A 345 0.79 26.43 -21.74
C TYR A 345 0.95 26.68 -23.23
N SER A 346 1.46 25.68 -23.94
CA SER A 346 1.75 25.81 -25.38
C SER A 346 0.98 24.78 -26.18
N GLU A 347 0.69 25.12 -27.44
CA GLU A 347 0.22 24.15 -28.42
C GLU A 347 1.32 23.95 -29.45
N TYR A 348 1.40 22.75 -30.00
CA TYR A 348 2.47 22.41 -30.94
C TYR A 348 1.95 21.64 -32.14
N THR A 349 2.77 21.55 -33.17
CA THR A 349 2.54 20.62 -34.29
C THR A 349 3.80 19.79 -34.52
N GLY A 350 3.63 18.60 -35.08
CA GLY A 350 4.77 17.77 -35.49
C GLY A 350 5.43 16.97 -34.39
N TYR A 351 6.60 16.43 -34.73
CA TYR A 351 7.30 15.47 -33.89
C TYR A 351 8.77 15.46 -34.29
N ALA A 352 9.65 15.23 -33.33
CA ALA A 352 11.09 15.14 -33.56
C ALA A 352 11.63 16.33 -34.36
N GLU A 353 12.14 16.06 -35.57
CA GLU A 353 12.72 17.12 -36.41
C GLU A 353 11.67 18.07 -36.97
N THR A 354 10.40 17.64 -36.93
CA THR A 354 9.31 18.48 -37.44
C THR A 354 8.52 19.19 -36.33
N TYR A 355 8.94 19.01 -35.08
CA TYR A 355 8.26 19.66 -33.96
C TYR A 355 8.30 21.17 -34.10
N ARG A 356 7.14 21.79 -33.97
CA ARG A 356 7.00 23.23 -34.14
C ARG A 356 6.07 23.78 -33.08
N TRP A 357 6.48 24.87 -32.44
CA TRP A 357 5.61 25.63 -31.55
C TRP A 357 4.54 26.28 -32.41
N ALA A 358 3.28 26.03 -32.07
CA ALA A 358 2.15 26.55 -32.83
C ALA A 358 1.65 27.89 -32.30
N ARG A 359 1.24 27.90 -31.03
CA ARG A 359 0.61 29.04 -30.36
C ARG A 359 0.48 28.72 -28.88
N SER A 360 0.08 29.73 -28.09
CA SER A 360 -0.18 29.52 -26.66
C SER A 360 -1.52 28.82 -26.44
N HIS A 361 -1.55 27.97 -25.42
CA HIS A 361 -2.76 27.29 -24.99
C HIS A 361 -3.29 27.91 -23.70
N GLU A 362 -4.61 28.04 -23.61
CA GLU A 362 -5.26 28.55 -22.41
C GLU A 362 -6.03 27.41 -21.72
N ASP A 363 -5.40 26.83 -20.69
CA ASP A 363 -5.90 25.63 -20.00
C ASP A 363 -7.21 25.90 -19.29
N GLY A 364 -8.25 25.16 -19.68
CA GLY A 364 -9.59 25.37 -19.12
C GLY A 364 -10.12 24.18 -18.33
N SER A 365 -9.21 23.38 -17.79
CA SER A 365 -9.61 22.23 -16.98
C SER A 365 -10.02 22.67 -15.57
N GLU A 366 -10.94 21.93 -14.98
CA GLU A 366 -11.43 22.20 -13.62
C GLU A 366 -10.37 21.85 -12.57
N LYS A 367 -10.71 22.00 -11.30
CA LYS A 367 -9.81 21.63 -10.20
C LYS A 367 -10.48 20.76 -9.14
N ASP A 368 -9.67 19.99 -8.42
CA ASP A 368 -10.14 19.23 -7.27
C ASP A 368 -10.07 20.09 -6.00
N ASP A 369 -10.46 19.50 -4.87
CA ASP A 369 -10.48 20.20 -3.58
C ASP A 369 -9.10 20.71 -3.13
N TRP A 370 -8.03 20.16 -3.70
CA TRP A 370 -6.68 20.59 -3.37
C TRP A 370 -6.14 21.63 -4.35
N GLN A 371 -7.05 22.21 -5.14
CA GLN A 371 -6.72 23.19 -6.18
C GLN A 371 -5.76 22.68 -7.26
N ARG A 372 -5.72 21.37 -7.45
CA ARG A 372 -4.92 20.77 -8.50
C ARG A 372 -5.80 20.60 -9.74
N ARG A 373 -5.25 21.00 -10.89
CA ARG A 373 -5.91 20.79 -12.18
C ARG A 373 -6.10 19.29 -12.42
N CYS A 374 -7.25 18.92 -12.97
CA CYS A 374 -7.57 17.52 -13.26
C CYS A 374 -6.78 17.01 -14.46
N THR A 375 -5.48 16.88 -14.27
CA THR A 375 -4.58 16.39 -15.29
C THR A 375 -3.55 15.53 -14.57
N GLU A 376 -3.63 14.22 -14.82
CA GLU A 376 -2.75 13.27 -14.17
C GLU A 376 -1.87 12.61 -15.22
N ILE A 377 -0.57 12.84 -15.07
CA ILE A 377 0.43 12.25 -15.96
C ILE A 377 1.27 11.26 -15.15
N VAL A 378 1.51 10.09 -15.73
CA VAL A 378 2.41 9.10 -15.14
C VAL A 378 3.63 8.84 -16.04
N ALA A 379 4.82 8.91 -15.45
CA ALA A 379 6.06 8.67 -16.16
C ALA A 379 6.53 7.23 -15.99
N ILE A 380 6.30 6.41 -17.02
CA ILE A 380 6.80 5.04 -17.05
C ILE A 380 7.75 4.83 -18.24
N ASP A 381 8.96 4.39 -17.94
CA ASP A 381 9.97 4.12 -18.96
C ASP A 381 9.93 2.69 -19.45
N ALA A 382 9.64 2.54 -20.74
CA ALA A 382 9.81 1.27 -21.42
C ALA A 382 11.29 0.98 -21.58
N LEU A 383 11.63 -0.27 -21.84
CA LEU A 383 13.00 -0.62 -22.17
C LEU A 383 13.30 -0.24 -23.62
N HIS A 384 14.58 -0.13 -23.95
CA HIS A 384 15.00 0.12 -25.32
C HIS A 384 15.45 -1.19 -25.94
N PHE A 385 14.67 -1.69 -26.87
CA PHE A 385 14.97 -2.97 -27.48
C PHE A 385 15.84 -2.78 -28.72
N ARG A 386 17.14 -2.72 -28.48
CA ARG A 386 18.12 -2.56 -29.54
C ARG A 386 18.28 -3.83 -30.35
N ARG A 387 17.91 -4.96 -29.76
CA ARG A 387 17.74 -6.21 -30.47
C ARG A 387 16.27 -6.61 -30.33
N TYR A 388 15.59 -6.75 -31.47
CA TYR A 388 14.13 -6.89 -31.51
C TYR A 388 13.55 -8.03 -30.69
N LEU A 389 14.12 -9.23 -30.82
CA LEU A 389 13.63 -10.43 -30.14
C LEU A 389 13.65 -10.38 -28.61
N ASP A 390 14.57 -9.60 -28.05
CA ASP A 390 14.73 -9.53 -26.60
C ASP A 390 13.41 -9.31 -25.85
N GLN A 391 12.50 -8.51 -26.40
CA GLN A 391 11.23 -8.19 -25.73
C GLN A 391 10.26 -9.36 -25.52
N PHE A 392 10.42 -10.42 -26.29
CA PHE A 392 9.54 -11.56 -26.17
C PHE A 392 10.06 -12.55 -25.10
N VAL A 393 11.31 -12.38 -24.69
CA VAL A 393 11.85 -13.15 -23.57
C VAL A 393 10.95 -12.91 -22.36
N PRO A 394 10.49 -14.00 -21.71
CA PRO A 394 9.45 -13.90 -20.68
C PRO A 394 9.76 -12.88 -19.58
N GLU A 395 11.02 -12.83 -19.16
CA GLU A 395 11.45 -11.90 -18.12
C GLU A 395 11.32 -10.43 -18.53
N LYS A 396 11.52 -10.15 -19.83
CA LYS A 396 11.38 -8.79 -20.35
C LYS A 396 9.93 -8.38 -20.47
N VAL A 397 9.06 -9.34 -20.75
CA VAL A 397 7.63 -9.11 -20.77
C VAL A 397 7.15 -8.77 -19.36
N ARG A 398 7.53 -9.59 -18.37
CA ARG A 398 7.14 -9.35 -16.98
C ARG A 398 7.60 -7.98 -16.55
N ARG A 399 8.81 -7.61 -16.97
CA ARG A 399 9.38 -6.31 -16.63
C ARG A 399 8.47 -5.19 -17.13
N GLU A 400 8.05 -5.29 -18.39
CA GLU A 400 7.17 -4.28 -18.97
C GLU A 400 5.82 -4.29 -18.29
N LEU A 401 5.30 -5.50 -18.06
CA LEU A 401 4.08 -5.70 -17.29
C LEU A 401 4.16 -5.00 -15.93
N ASN A 402 5.23 -5.25 -15.19
CA ASN A 402 5.42 -4.66 -13.87
C ASN A 402 5.51 -3.14 -13.91
N LYS A 403 6.27 -2.61 -14.85
CA LYS A 403 6.43 -1.16 -14.99
C LYS A 403 5.09 -0.47 -15.29
N ALA A 404 4.32 -1.03 -16.22
CA ALA A 404 3.00 -0.50 -16.54
C ALA A 404 2.04 -0.60 -15.35
N TYR A 405 2.04 -1.77 -14.69
CA TYR A 405 1.18 -2.02 -13.54
C TYR A 405 1.43 -1.00 -12.44
N CYS A 406 2.71 -0.71 -12.20
CA CYS A 406 3.14 0.27 -11.21
C CYS A 406 2.60 1.66 -11.52
N GLY A 407 2.61 2.02 -12.81
CA GLY A 407 2.09 3.31 -13.26
C GLY A 407 0.59 3.43 -13.13
N PHE A 408 -0.11 2.31 -13.20
CA PHE A 408 -1.58 2.29 -13.21
C PHE A 408 -2.19 2.04 -11.83
N LEU A 409 -1.52 1.24 -11.01
CA LEU A 409 -2.03 0.89 -9.68
C LEU A 409 -2.12 2.09 -8.74
N ARG A 410 -3.21 2.15 -7.98
CA ARG A 410 -3.39 3.13 -6.93
C ARG A 410 -3.85 2.41 -5.68
N PRO A 411 -2.88 2.06 -4.80
CA PRO A 411 -3.14 1.32 -3.56
C PRO A 411 -4.23 1.96 -2.73
N GLY A 412 -5.26 1.18 -2.42
CA GLY A 412 -6.33 1.60 -1.51
C GLY A 412 -7.40 2.48 -2.13
N VAL A 413 -7.39 2.61 -3.45
CA VAL A 413 -8.39 3.40 -4.16
C VAL A 413 -9.32 2.44 -4.91
N PRO A 414 -10.65 2.55 -4.68
CA PRO A 414 -11.63 1.67 -5.32
C PRO A 414 -11.66 1.86 -6.83
N SER A 415 -11.78 0.76 -7.57
CA SER A 415 -11.75 0.74 -9.04
C SER A 415 -12.74 1.68 -9.73
N GLU A 416 -13.90 1.92 -9.12
CA GLU A 416 -14.90 2.82 -9.69
C GLU A 416 -14.50 4.30 -9.59
N ASN A 417 -13.42 4.56 -8.85
CA ASN A 417 -12.89 5.92 -8.72
C ASN A 417 -11.65 6.17 -9.58
N LEU A 418 -11.28 5.17 -10.38
CA LEU A 418 -10.11 5.27 -11.26
C LEU A 418 -10.51 5.63 -12.68
N SER A 419 -9.90 6.69 -13.20
CA SER A 419 -10.09 7.08 -14.59
C SER A 419 -9.53 6.02 -15.52
N ALA A 420 -9.96 6.05 -16.78
CA ALA A 420 -9.35 5.20 -17.78
C ALA A 420 -7.90 5.63 -17.98
N VAL A 421 -7.09 4.70 -18.49
CA VAL A 421 -5.71 5.00 -18.85
C VAL A 421 -5.71 5.49 -20.28
N ALA A 422 -5.15 6.69 -20.48
CA ALA A 422 -4.94 7.22 -21.82
C ALA A 422 -3.50 6.95 -22.21
N THR A 423 -3.32 6.14 -23.25
CA THR A 423 -1.99 5.70 -23.65
C THR A 423 -1.83 5.48 -25.17
N GLY A 424 -0.65 5.04 -25.58
CA GLY A 424 -0.36 4.81 -27.00
C GLY A 424 0.73 3.79 -27.19
N ASN A 425 1.50 3.96 -28.27
CA ASN A 425 2.59 3.04 -28.61
C ASN A 425 3.82 3.27 -27.74
N TRP A 426 3.68 2.85 -26.49
CA TRP A 426 4.70 2.99 -25.46
C TRP A 426 5.98 2.24 -25.81
N GLY A 427 7.09 2.96 -25.92
CA GLY A 427 8.40 2.38 -26.20
C GLY A 427 8.58 1.78 -27.59
N CYS A 428 7.69 2.13 -28.51
CA CYS A 428 7.69 1.53 -29.86
C CYS A 428 8.36 2.42 -30.90
N GLY A 429 8.23 2.05 -32.18
CA GLY A 429 8.91 2.76 -33.27
C GLY A 429 10.42 2.62 -33.15
N ALA A 430 11.12 3.76 -33.21
CA ALA A 430 12.58 3.78 -33.17
C ALA A 430 13.17 3.34 -31.83
N PHE A 431 12.32 3.24 -30.79
CA PHE A 431 12.75 2.71 -29.49
C PHE A 431 12.77 1.18 -29.42
N GLY A 432 12.32 0.51 -30.49
CA GLY A 432 12.48 -0.93 -30.64
C GLY A 432 11.33 -1.84 -30.21
N GLY A 433 10.38 -1.28 -29.46
CA GLY A 433 9.24 -2.06 -28.99
C GLY A 433 8.24 -2.40 -30.09
N ASP A 434 7.64 -3.58 -29.97
CA ASP A 434 6.61 -4.04 -30.90
C ASP A 434 5.24 -3.54 -30.44
N ALA A 435 4.60 -2.75 -31.30
CA ALA A 435 3.33 -2.10 -30.97
C ALA A 435 2.23 -3.08 -30.53
N ARG A 436 2.17 -4.21 -31.20
CA ARG A 436 1.15 -5.21 -30.92
C ARG A 436 1.37 -5.89 -29.56
N LEU A 437 2.62 -6.25 -29.29
CA LEU A 437 3.02 -6.75 -27.98
C LEU A 437 2.79 -5.72 -26.86
N LYS A 438 3.26 -4.49 -27.07
CA LYS A 438 3.14 -3.43 -26.06
C LYS A 438 1.70 -3.03 -25.79
N ALA A 439 0.86 -3.08 -26.82
CA ALA A 439 -0.56 -2.83 -26.64
C ALA A 439 -1.14 -3.89 -25.70
N LEU A 440 -0.78 -5.14 -25.95
CA LEU A 440 -1.25 -6.26 -25.14
C LEU A 440 -0.72 -6.19 -23.71
N ILE A 441 0.54 -5.83 -23.56
CA ILE A 441 1.16 -5.65 -22.24
C ILE A 441 0.42 -4.61 -21.40
N GLN A 442 0.12 -3.46 -22.00
CA GLN A 442 -0.60 -2.39 -21.30
C GLN A 442 -2.03 -2.78 -20.94
N ILE A 443 -2.71 -3.47 -21.85
CA ILE A 443 -4.04 -4.01 -21.63
C ILE A 443 -4.07 -4.95 -20.43
N LEU A 444 -3.14 -5.91 -20.40
CA LEU A 444 -3.04 -6.82 -19.25
C LEU A 444 -2.73 -6.07 -17.95
N ALA A 445 -1.77 -5.14 -18.01
CA ALA A 445 -1.39 -4.38 -16.83
C ALA A 445 -2.56 -3.57 -16.27
N ALA A 446 -3.35 -2.95 -17.15
CA ALA A 446 -4.46 -2.15 -16.71
C ALA A 446 -5.58 -3.02 -16.12
N ALA A 447 -5.73 -4.22 -16.66
CA ALA A 447 -6.74 -5.17 -16.20
C ALA A 447 -6.43 -5.60 -14.77
N ALA A 448 -5.16 -5.86 -14.51
CA ALA A 448 -4.68 -6.22 -13.18
C ALA A 448 -4.86 -5.03 -12.22
N ALA A 449 -4.77 -3.82 -12.78
CA ALA A 449 -4.98 -2.58 -12.03
C ALA A 449 -6.46 -2.19 -12.01
N GLU A 450 -7.30 -2.96 -12.70
CA GLU A 450 -8.75 -2.74 -12.80
C GLU A 450 -9.12 -1.37 -13.38
N ARG A 451 -8.36 -0.94 -14.38
CA ARG A 451 -8.64 0.28 -15.13
C ARG A 451 -8.93 -0.03 -16.58
N ASP A 452 -9.82 0.75 -17.18
CA ASP A 452 -10.08 0.67 -18.60
C ASP A 452 -8.96 1.34 -19.39
N VAL A 453 -8.87 1.02 -20.67
CA VAL A 453 -7.81 1.52 -21.54
C VAL A 453 -8.39 2.39 -22.66
N VAL A 454 -7.73 3.51 -22.93
CA VAL A 454 -8.01 4.34 -24.10
C VAL A 454 -6.71 4.46 -24.87
N TYR A 455 -6.69 3.93 -26.08
CA TYR A 455 -5.43 3.70 -26.78
C TYR A 455 -5.37 4.47 -28.09
N PHE A 456 -4.32 5.27 -28.24
CA PHE A 456 -4.13 6.10 -29.42
C PHE A 456 -3.00 5.55 -30.28
N THR A 457 -3.30 5.28 -31.55
CA THR A 457 -2.31 4.68 -32.46
C THR A 457 -1.67 5.69 -33.42
N PHE A 458 -2.04 6.96 -33.28
CA PHE A 458 -1.43 8.10 -34.00
C PHE A 458 -1.32 7.92 -35.52
N GLY A 459 -2.46 7.76 -36.19
CA GLY A 459 -2.47 7.65 -37.66
C GLY A 459 -2.52 6.23 -38.21
N ASP A 460 -1.98 5.29 -37.43
CA ASP A 460 -1.98 3.87 -37.80
C ASP A 460 -3.37 3.26 -37.62
N SER A 461 -4.17 3.28 -38.69
CA SER A 461 -5.53 2.76 -38.67
C SER A 461 -5.55 1.23 -38.65
N GLU A 462 -4.57 0.61 -39.31
CA GLU A 462 -4.47 -0.84 -39.35
C GLU A 462 -4.16 -1.42 -37.98
N LEU A 463 -3.31 -0.72 -37.22
CA LEU A 463 -2.99 -1.11 -35.86
C LEU A 463 -4.20 -0.99 -34.93
N MET A 464 -5.00 0.06 -35.12
CA MET A 464 -6.23 0.27 -34.36
C MET A 464 -7.13 -0.95 -34.48
N ARG A 465 -7.36 -1.36 -35.73
CA ARG A 465 -8.15 -2.54 -36.04
C ARG A 465 -7.63 -3.78 -35.31
N ASP A 466 -6.35 -4.07 -35.51
CA ASP A 466 -5.75 -5.29 -34.97
C ASP A 466 -5.86 -5.37 -33.44
N ILE A 467 -5.48 -4.28 -32.76
CA ILE A 467 -5.63 -4.19 -31.30
C ILE A 467 -7.09 -4.42 -30.91
N TYR A 468 -8.01 -3.79 -31.63
CA TYR A 468 -9.43 -3.99 -31.36
C TYR A 468 -9.85 -5.45 -31.53
N SER A 469 -9.47 -6.07 -32.63
CA SER A 469 -9.84 -7.46 -32.92
C SER A 469 -9.33 -8.42 -31.83
N MET A 470 -8.08 -8.21 -31.41
CA MET A 470 -7.45 -9.04 -30.40
C MET A 470 -8.12 -8.88 -29.04
N HIS A 471 -8.36 -7.63 -28.62
CA HIS A 471 -9.09 -7.34 -27.38
C HIS A 471 -10.48 -7.99 -27.38
N THR A 472 -11.22 -7.84 -28.47
CA THR A 472 -12.54 -8.45 -28.62
C THR A 472 -12.47 -9.97 -28.56
N PHE A 473 -11.47 -10.55 -29.24
CA PHE A 473 -11.24 -11.98 -29.22
C PHE A 473 -11.03 -12.51 -27.80
N LEU A 474 -10.10 -11.91 -27.08
CA LEU A 474 -9.77 -12.35 -25.73
C LEU A 474 -10.88 -12.07 -24.70
N THR A 475 -11.69 -11.06 -24.94
CA THR A 475 -12.81 -10.75 -24.06
C THR A 475 -13.97 -11.75 -24.26
N GLU A 476 -14.36 -11.97 -25.51
CA GLU A 476 -15.46 -12.88 -25.85
C GLU A 476 -15.16 -14.33 -25.48
N ARG A 477 -13.88 -14.72 -25.56
CA ARG A 477 -13.47 -16.06 -25.18
C ARG A 477 -13.16 -16.14 -23.68
N LYS A 478 -13.28 -15.01 -22.98
CA LYS A 478 -13.16 -14.91 -21.52
C LYS A 478 -11.81 -15.40 -20.98
N LEU A 479 -10.73 -14.97 -21.63
CA LEU A 479 -9.38 -15.28 -21.18
C LEU A 479 -8.89 -14.21 -20.22
N ASP A 480 -8.58 -14.63 -18.98
CA ASP A 480 -8.08 -13.69 -17.99
C ASP A 480 -6.59 -13.39 -18.21
N VAL A 481 -6.06 -12.45 -17.44
CA VAL A 481 -4.65 -12.03 -17.55
C VAL A 481 -3.68 -13.22 -17.60
N GLY A 482 -3.85 -14.17 -16.68
CA GLY A 482 -2.99 -15.35 -16.63
C GLY A 482 -3.04 -16.18 -17.89
N LYS A 483 -4.23 -16.31 -18.46
CA LYS A 483 -4.42 -17.12 -19.66
C LYS A 483 -3.76 -16.47 -20.88
N VAL A 484 -3.89 -15.15 -20.96
CA VAL A 484 -3.27 -14.37 -22.02
C VAL A 484 -1.74 -14.37 -21.88
N TYR A 485 -1.25 -14.16 -20.66
CA TYR A 485 0.17 -14.19 -20.39
C TYR A 485 0.80 -15.54 -20.75
N LYS A 486 0.09 -16.62 -20.45
CA LYS A 486 0.51 -17.98 -20.84
C LYS A 486 0.64 -18.14 -22.36
N LEU A 487 -0.20 -17.43 -23.11
CA LEU A 487 -0.10 -17.40 -24.56
C LEU A 487 1.18 -16.69 -25.04
N LEU A 488 1.64 -15.70 -24.27
CA LEU A 488 2.86 -14.97 -24.60
C LEU A 488 4.09 -15.84 -24.37
N LEU A 489 4.02 -16.72 -23.38
CA LEU A 489 5.11 -17.65 -23.10
C LEU A 489 5.18 -18.72 -24.17
N ARG A 490 4.02 -19.18 -24.63
CA ARG A 490 3.94 -20.14 -25.72
C ARG A 490 4.57 -19.57 -26.98
N TYR A 491 4.35 -18.26 -27.22
CA TYR A 491 4.90 -17.59 -28.39
C TYR A 491 6.42 -17.56 -28.35
N TYR A 492 6.99 -17.22 -27.20
CA TYR A 492 8.43 -17.24 -27.02
C TYR A 492 9.05 -18.63 -27.23
N ASN A 493 8.49 -19.64 -26.58
CA ASN A 493 9.02 -21.00 -26.63
C ASN A 493 8.92 -21.67 -28.02
N GLU A 494 7.81 -21.45 -28.69
CA GLU A 494 7.52 -22.10 -29.96
C GLU A 494 8.02 -21.33 -31.19
N GLU A 495 8.21 -20.02 -31.04
CA GLU A 495 8.54 -19.16 -32.18
C GLU A 495 9.75 -18.25 -32.03
N CYS A 496 10.17 -17.97 -30.79
CA CYS A 496 11.22 -16.96 -30.58
C CYS A 496 12.59 -17.47 -30.15
N ARG A 497 12.63 -18.38 -29.17
CA ARG A 497 13.92 -18.78 -28.58
C ARG A 497 14.89 -19.47 -29.56
N ASN A 498 14.34 -20.17 -30.55
CA ASN A 498 15.15 -20.86 -31.54
C ASN A 498 15.25 -20.15 -32.89
N CYS A 499 14.80 -18.89 -32.91
CA CYS A 499 14.79 -18.08 -34.11
C CYS A 499 16.19 -17.58 -34.47
N SER A 500 16.62 -17.90 -35.69
CA SER A 500 17.93 -17.51 -36.21
C SER A 500 17.92 -16.16 -36.95
N THR A 501 16.72 -15.71 -37.30
CA THR A 501 16.51 -14.45 -37.99
C THR A 501 16.17 -13.34 -36.97
N PRO A 502 16.32 -12.05 -37.36
CA PRO A 502 15.98 -10.93 -36.46
C PRO A 502 14.54 -10.95 -35.94
N GLY A 503 13.61 -11.44 -36.76
CA GLY A 503 12.21 -11.58 -36.37
C GLY A 503 11.67 -12.93 -36.84
N PRO A 504 10.69 -13.48 -36.09
CA PRO A 504 10.16 -14.81 -36.42
C PRO A 504 9.22 -14.79 -37.60
N ASP A 505 9.08 -15.93 -38.28
CA ASP A 505 8.21 -16.08 -39.44
C ASP A 505 6.76 -15.72 -39.13
N ILE A 506 6.27 -16.18 -37.98
CA ILE A 506 4.88 -15.95 -37.59
C ILE A 506 4.75 -14.93 -36.46
N LYS A 507 3.95 -13.91 -36.71
CA LYS A 507 3.76 -12.80 -35.79
C LYS A 507 2.90 -13.18 -34.58
N LEU A 508 2.93 -12.32 -33.57
CA LEU A 508 2.29 -12.59 -32.28
C LEU A 508 0.79 -12.85 -32.38
N TYR A 509 0.05 -11.88 -32.92
CA TYR A 509 -1.41 -11.97 -32.98
C TYR A 509 -1.92 -13.18 -33.77
N PRO A 510 -1.41 -13.41 -35.00
CA PRO A 510 -1.79 -14.63 -35.75
C PRO A 510 -1.52 -15.92 -34.96
N PHE A 511 -0.41 -15.96 -34.23
CA PHE A 511 -0.11 -17.09 -33.37
C PHE A 511 -1.12 -17.23 -32.24
N ILE A 512 -1.53 -16.11 -31.66
CA ILE A 512 -2.48 -16.14 -30.55
C ILE A 512 -3.84 -16.67 -31.01
N TYR A 513 -4.35 -16.11 -32.10
CA TYR A 513 -5.58 -16.60 -32.71
C TYR A 513 -5.51 -18.11 -32.93
N HIS A 514 -4.44 -18.56 -33.57
CA HIS A 514 -4.27 -19.97 -33.90
C HIS A 514 -4.22 -20.84 -32.66
N ALA A 515 -3.45 -20.41 -31.66
CA ALA A 515 -3.28 -21.18 -30.44
C ALA A 515 -4.62 -21.41 -29.73
N VAL A 516 -5.44 -20.36 -29.67
CA VAL A 516 -6.74 -20.43 -29.01
C VAL A 516 -7.77 -21.22 -29.84
N GLU A 517 -7.77 -21.01 -31.16
CA GLU A 517 -8.72 -21.67 -32.05
C GLU A 517 -8.49 -23.18 -32.17
N SER A 518 -7.28 -23.61 -31.88
CA SER A 518 -6.90 -25.03 -31.96
C SER A 518 -6.99 -25.76 -30.63
N SER A 519 -7.57 -25.12 -29.62
CA SER A 519 -7.63 -25.67 -28.27
C SER A 519 -8.92 -26.41 -27.96
N ALA A 520 -8.91 -27.13 -26.83
CA ALA A 520 -10.09 -27.80 -26.25
C ALA A 520 -10.85 -28.68 -27.24
N GLU B 6 22.54 -28.34 27.61
CA GLU B 6 22.01 -27.56 26.45
C GLU B 6 21.53 -26.16 26.87
N LYS B 7 21.81 -25.17 26.00
CA LYS B 7 21.45 -23.77 26.24
C LYS B 7 19.94 -23.59 26.27
N LYS B 8 19.50 -22.52 26.93
CA LYS B 8 18.07 -22.18 27.00
C LYS B 8 17.59 -21.46 25.74
N TRP B 9 18.45 -20.64 25.17
CA TRP B 9 18.14 -19.88 23.98
C TRP B 9 19.38 -19.80 23.09
N LEU B 10 19.18 -19.49 21.81
CA LEU B 10 20.27 -19.35 20.86
C LEU B 10 20.06 -18.15 19.93
N GLY B 11 21.16 -17.62 19.40
CA GLY B 11 21.09 -16.57 18.39
C GLY B 11 21.21 -15.18 18.98
N THR B 12 20.43 -14.25 18.44
CA THR B 12 20.42 -12.85 18.88
C THR B 12 19.80 -12.74 20.27
N PRO B 13 20.48 -12.06 21.20
CA PRO B 13 19.89 -11.81 22.53
C PRO B 13 18.56 -11.08 22.40
N ILE B 14 17.55 -11.55 23.12
CA ILE B 14 16.19 -11.03 22.97
C ILE B 14 16.06 -9.53 23.22
N GLU B 15 16.85 -9.00 24.15
CA GLU B 15 16.82 -7.57 24.49
C GLU B 15 17.26 -6.67 23.32
N GLU B 16 17.89 -7.26 22.31
CA GLU B 16 18.34 -6.52 21.14
C GLU B 16 17.31 -6.47 20.02
N MET B 17 16.23 -7.24 20.16
CA MET B 17 15.13 -7.21 19.19
C MET B 17 14.31 -5.94 19.37
N ARG B 18 13.68 -5.47 18.30
CA ARG B 18 12.83 -4.29 18.36
C ARG B 18 11.48 -4.62 18.99
N LYS B 19 10.96 -3.71 19.81
CA LYS B 19 9.68 -3.90 20.50
C LYS B 19 8.99 -2.58 20.85
N MET B 20 7.66 -2.62 20.82
CA MET B 20 6.83 -1.49 21.22
C MET B 20 6.88 -1.27 22.73
N PRO B 21 6.77 -0.01 23.19
CA PRO B 21 6.51 1.21 22.43
C PRO B 21 7.75 1.92 21.85
N ARG B 22 8.95 1.39 22.14
CA ARG B 22 10.19 2.07 21.77
C ARG B 22 10.43 2.17 20.26
N CYS B 23 10.21 1.08 19.53
CA CYS B 23 10.42 1.06 18.07
C CYS B 23 9.30 1.76 17.29
N GLY B 24 8.26 2.19 18.00
CA GLY B 24 7.09 2.78 17.38
C GLY B 24 7.33 4.01 16.54
N ILE B 25 6.58 4.12 15.44
CA ILE B 25 6.56 5.32 14.61
C ILE B 25 5.85 6.45 15.36
N HIS B 26 6.06 7.68 14.89
CA HIS B 26 5.25 8.79 15.32
C HIS B 26 3.84 8.57 14.75
N LEU B 27 2.89 8.31 15.64
CA LEU B 27 1.49 8.12 15.26
C LEU B 27 0.81 9.46 14.97
N PRO B 28 0.29 9.62 13.73
CA PRO B 28 -0.42 10.85 13.40
C PRO B 28 -1.75 10.92 14.13
N SER B 29 -2.31 12.12 14.25
CA SER B 29 -3.62 12.30 14.88
C SER B 29 -4.59 11.23 14.38
N LEU B 30 -5.21 10.53 15.32
CA LEU B 30 -6.23 9.54 14.98
C LEU B 30 -7.43 10.24 14.34
N ARG B 31 -7.86 9.75 13.18
CA ARG B 31 -9.03 10.30 12.51
C ARG B 31 -9.71 9.29 11.58
N PRO B 32 -11.05 9.35 11.49
CA PRO B 32 -11.75 8.48 10.55
C PRO B 32 -11.39 8.81 9.11
N SER B 33 -11.42 7.79 8.26
CA SER B 33 -11.24 7.96 6.83
C SER B 33 -11.92 6.80 6.13
N ALA B 34 -11.86 6.78 4.81
CA ALA B 34 -12.46 5.71 4.01
C ALA B 34 -12.06 4.30 4.46
N SER B 35 -10.80 4.14 4.87
CA SER B 35 -10.27 2.84 5.29
C SER B 35 -10.13 2.67 6.81
N HIS B 36 -10.59 3.67 7.56
CA HIS B 36 -10.50 3.64 9.03
C HIS B 36 -11.79 4.16 9.68
N THR B 37 -12.49 3.25 10.35
CA THR B 37 -13.68 3.60 11.12
C THR B 37 -13.26 3.88 12.56
N VAL B 38 -13.65 5.04 13.08
CA VAL B 38 -13.32 5.43 14.45
C VAL B 38 -14.59 5.80 15.19
N THR B 39 -14.89 5.07 16.26
CA THR B 39 -16.19 5.17 16.93
C THR B 39 -16.17 6.02 18.22
N VAL B 40 -15.18 6.90 18.34
CA VAL B 40 -14.99 7.71 19.56
C VAL B 40 -14.63 9.17 19.25
N ARG B 41 -14.88 10.07 20.20
CA ARG B 41 -14.50 11.47 20.06
C ARG B 41 -12.99 11.63 20.23
N VAL B 42 -12.28 11.71 19.11
CA VAL B 42 -10.81 11.79 19.13
C VAL B 42 -10.32 13.09 19.79
N ASP B 43 -11.02 14.19 19.51
CA ASP B 43 -10.67 15.49 20.09
C ASP B 43 -10.75 15.50 21.63
N LEU B 44 -11.54 14.59 22.19
CA LEU B 44 -11.75 14.51 23.64
C LEU B 44 -10.96 13.39 24.32
N LEU B 45 -10.21 12.60 23.54
CA LEU B 45 -9.45 11.46 24.05
C LEU B 45 -8.31 11.88 24.99
N ARG B 46 -8.46 11.55 26.27
CA ARG B 46 -7.47 11.88 27.29
C ARG B 46 -7.05 10.62 28.05
N ALA B 47 -5.75 10.51 28.35
CA ALA B 47 -5.19 9.37 29.06
C ALA B 47 -5.87 9.13 30.42
N GLY B 48 -6.18 7.87 30.69
CA GLY B 48 -6.80 7.48 31.96
C GLY B 48 -8.25 7.86 32.14
N GLU B 49 -8.89 8.33 31.07
CA GLU B 49 -10.30 8.71 31.12
C GLU B 49 -11.11 8.03 30.00
N VAL B 50 -12.29 7.53 30.37
CA VAL B 50 -13.16 6.80 29.45
C VAL B 50 -13.53 7.66 28.23
N PRO B 51 -13.16 7.18 27.02
CA PRO B 51 -13.43 7.88 25.75
C PRO B 51 -14.92 8.08 25.54
N LYS B 52 -15.27 9.21 24.92
CA LYS B 52 -16.67 9.53 24.63
C LYS B 52 -17.04 8.99 23.25
N PRO B 53 -18.30 8.57 23.07
CA PRO B 53 -18.74 8.05 21.77
C PRO B 53 -18.89 9.12 20.69
N PHE B 54 -18.67 8.72 19.44
CA PHE B 54 -19.02 9.53 18.27
C PHE B 54 -19.82 8.69 17.27
N PRO B 55 -20.98 9.17 16.81
CA PRO B 55 -21.61 10.46 17.11
C PRO B 55 -22.21 10.53 18.52
N THR B 56 -22.72 11.71 18.90
CA THR B 56 -23.27 11.91 20.24
C THR B 56 -24.46 10.98 20.51
N HIS B 57 -25.44 10.99 19.60
CA HIS B 57 -26.63 10.13 19.72
C HIS B 57 -26.54 8.92 18.79
N TYR B 58 -27.22 7.85 19.20
CA TYR B 58 -27.28 6.60 18.44
C TYR B 58 -27.80 6.78 17.02
N LYS B 59 -27.11 6.16 16.08
CA LYS B 59 -27.48 6.16 14.67
C LYS B 59 -27.44 4.73 14.14
N ASP B 60 -28.58 4.26 13.63
CA ASP B 60 -28.76 2.85 13.29
C ASP B 60 -28.64 2.56 11.80
N LEU B 61 -27.99 1.44 11.48
CA LEU B 61 -27.89 0.92 10.13
C LEU B 61 -28.17 -0.57 10.12
N TRP B 62 -29.21 -0.97 9.40
CA TRP B 62 -29.65 -2.36 9.31
C TRP B 62 -29.54 -2.82 7.86
N ASP B 63 -28.30 -3.06 7.43
CA ASP B 63 -28.01 -3.47 6.05
C ASP B 63 -27.02 -4.64 6.02
N ASN B 64 -26.54 -4.98 4.81
CA ASN B 64 -25.58 -6.08 4.65
C ASN B 64 -24.11 -5.66 4.69
N LYS B 65 -23.87 -4.39 5.00
CA LYS B 65 -22.52 -3.84 5.07
C LYS B 65 -22.08 -3.54 6.51
N HIS B 66 -23.02 -3.67 7.44
CA HIS B 66 -22.77 -3.32 8.84
C HIS B 66 -23.31 -4.37 9.79
N VAL B 67 -22.91 -4.27 11.06
CA VAL B 67 -23.39 -5.16 12.10
C VAL B 67 -24.86 -4.86 12.43
N LYS B 68 -25.69 -5.90 12.38
CA LYS B 68 -27.09 -5.78 12.76
C LYS B 68 -27.17 -5.79 14.28
N MET B 69 -27.44 -4.61 14.83
CA MET B 69 -27.40 -4.39 16.28
C MET B 69 -28.69 -4.83 16.97
N PRO B 70 -28.61 -5.29 18.23
CA PRO B 70 -29.82 -5.71 18.93
C PRO B 70 -30.71 -4.53 19.36
N CYS B 71 -30.11 -3.36 19.52
CA CYS B 71 -30.86 -2.17 19.94
C CYS B 71 -31.50 -1.41 18.77
N SER B 72 -31.44 -2.01 17.58
CA SER B 72 -32.06 -1.44 16.39
C SER B 72 -33.58 -1.40 16.52
N GLU B 73 -34.18 -0.29 16.07
CA GLU B 73 -35.64 -0.17 16.00
C GLU B 73 -36.18 -1.11 14.93
N GLN B 74 -35.26 -1.68 14.14
CA GLN B 74 -35.59 -2.59 13.04
C GLN B 74 -35.30 -4.06 13.41
N ASN B 75 -34.95 -4.28 14.68
CA ASN B 75 -34.82 -5.63 15.22
C ASN B 75 -36.16 -6.03 15.82
N LEU B 76 -36.83 -6.99 15.19
CA LEU B 76 -38.23 -7.30 15.52
C LEU B 76 -38.50 -8.77 15.87
N TYR B 77 -39.55 -8.98 16.67
CA TYR B 77 -39.96 -10.30 17.11
C TYR B 77 -41.46 -10.51 16.93
N GLY B 89 -43.44 -6.14 16.99
CA GLY B 89 -42.94 -5.92 18.35
C GLY B 89 -41.44 -5.70 18.39
N SER B 90 -41.02 -4.68 19.15
CA SER B 90 -39.60 -4.33 19.28
C SER B 90 -38.85 -5.33 20.15
N ARG B 91 -37.86 -5.99 19.54
CA ARG B 91 -37.09 -7.04 20.20
C ARG B 91 -36.16 -6.47 21.28
N TRP B 92 -35.73 -5.23 21.10
CA TRP B 92 -34.86 -4.55 22.05
C TRP B 92 -35.57 -4.31 23.40
N GLU B 93 -36.81 -3.84 23.35
CA GLU B 93 -37.60 -3.62 24.56
C GLU B 93 -37.96 -4.93 25.26
N LEU B 94 -38.04 -6.00 24.47
CA LEU B 94 -38.23 -7.34 25.00
C LEU B 94 -36.98 -7.77 25.79
N ILE B 95 -35.81 -7.48 25.24
CA ILE B 95 -34.52 -7.75 25.90
C ILE B 95 -34.41 -6.98 27.22
N GLN B 96 -34.83 -5.71 27.19
CA GLN B 96 -34.80 -4.83 28.36
C GLN B 96 -35.65 -5.35 29.51
N THR B 97 -36.88 -5.75 29.21
CA THR B 97 -37.80 -6.27 30.23
C THR B 97 -37.24 -7.58 30.83
N ALA B 98 -36.65 -8.41 29.98
CA ALA B 98 -36.12 -9.70 30.38
C ALA B 98 -34.91 -9.59 31.32
N LEU B 99 -34.07 -8.59 31.10
CA LEU B 99 -32.82 -8.44 31.86
C LEU B 99 -32.94 -7.55 33.10
N LEU B 100 -33.80 -6.53 33.03
CA LEU B 100 -34.04 -5.65 34.18
C LEU B 100 -34.67 -6.39 35.36
N ASN B 101 -35.17 -7.59 35.10
CA ASN B 101 -35.61 -8.51 36.14
C ASN B 101 -34.40 -9.13 36.82
N LYS B 102 -34.35 -9.01 38.15
CA LYS B 102 -33.22 -9.47 38.95
C LYS B 102 -33.05 -11.00 38.90
N PHE B 103 -31.81 -11.44 39.06
CA PHE B 103 -31.49 -12.87 39.05
C PHE B 103 -31.09 -13.37 40.43
N THR B 104 -31.77 -14.40 40.91
CA THR B 104 -31.43 -15.02 42.20
C THR B 104 -30.98 -16.47 42.00
N ARG B 105 -31.57 -17.13 41.01
CA ARG B 105 -31.26 -18.52 40.68
C ARG B 105 -30.68 -18.59 39.26
N PRO B 106 -30.00 -19.70 38.91
CA PRO B 106 -29.53 -19.88 37.53
C PRO B 106 -30.66 -19.88 36.52
N GLN B 107 -31.80 -20.47 36.89
CA GLN B 107 -32.98 -20.52 36.03
C GLN B 107 -33.49 -19.14 35.65
N ASN B 108 -33.46 -18.20 36.59
CA ASN B 108 -33.83 -16.81 36.32
C ASN B 108 -33.10 -16.26 35.09
N LEU B 109 -31.80 -16.54 35.01
CA LEU B 109 -30.95 -16.08 33.91
C LEU B 109 -31.19 -16.87 32.62
N LYS B 110 -31.31 -18.19 32.75
CA LYS B 110 -31.65 -19.05 31.62
C LYS B 110 -32.96 -18.61 30.98
N ASP B 111 -33.99 -18.46 31.80
CA ASP B 111 -35.32 -18.08 31.34
C ASP B 111 -35.39 -16.66 30.75
N ALA B 112 -34.59 -15.75 31.30
CA ALA B 112 -34.51 -14.37 30.79
C ALA B 112 -33.94 -14.29 29.38
N ILE B 113 -32.87 -15.05 29.13
CA ILE B 113 -32.21 -15.07 27.82
C ILE B 113 -33.13 -15.66 26.73
N LEU B 114 -33.82 -16.73 27.08
CA LEU B 114 -34.72 -17.42 26.14
C LEU B 114 -36.03 -16.67 25.87
N LYS B 115 -36.28 -15.59 26.62
CA LYS B 115 -37.46 -14.75 26.39
C LYS B 115 -37.42 -14.07 25.02
N TYR B 116 -36.22 -13.67 24.60
CA TYR B 116 -36.00 -13.12 23.27
C TYR B 116 -35.26 -14.13 22.40
N ASN B 117 -35.25 -15.38 22.85
CA ASN B 117 -34.68 -16.50 22.09
C ASN B 117 -35.54 -17.76 22.21
N VAL B 118 -36.84 -17.58 22.00
CA VAL B 118 -37.81 -18.67 22.13
C VAL B 118 -37.54 -19.75 21.07
N ALA B 119 -37.02 -19.34 19.92
CA ALA B 119 -36.74 -20.25 18.82
C ALA B 119 -35.73 -21.34 19.17
N TYR B 120 -34.87 -21.06 20.13
CA TYR B 120 -33.78 -21.96 20.51
C TYR B 120 -33.90 -22.48 21.96
N SER B 121 -35.08 -22.31 22.56
CA SER B 121 -35.33 -22.76 23.93
C SER B 121 -35.19 -24.27 24.12
N LYS B 122 -35.43 -25.02 23.05
CA LYS B 122 -35.33 -26.47 23.08
C LYS B 122 -34.01 -26.97 22.49
N LYS B 123 -33.15 -26.04 22.11
CA LYS B 123 -31.86 -26.36 21.47
C LYS B 123 -30.65 -25.98 22.33
N TRP B 124 -30.81 -24.97 23.18
CA TRP B 124 -29.72 -24.49 24.02
C TRP B 124 -29.72 -25.12 25.42
N ASP B 125 -28.78 -26.04 25.63
CA ASP B 125 -28.58 -26.66 26.93
C ASP B 125 -27.93 -25.64 27.88
N PHE B 126 -28.21 -25.77 29.17
CA PHE B 126 -27.70 -24.82 30.16
C PHE B 126 -27.05 -25.50 31.38
N THR B 127 -26.71 -26.77 31.23
CA THR B 127 -26.17 -27.58 32.34
C THR B 127 -24.92 -26.96 32.97
N ALA B 128 -23.97 -26.56 32.12
CA ALA B 128 -22.67 -26.04 32.57
C ALA B 128 -22.76 -24.70 33.31
N LEU B 129 -23.78 -23.91 32.98
CA LEU B 129 -24.03 -22.64 33.66
C LEU B 129 -24.61 -22.84 35.06
N VAL B 130 -25.61 -23.71 35.17
CA VAL B 130 -26.23 -24.03 36.46
C VAL B 130 -25.19 -24.71 37.36
N ASP B 131 -24.42 -25.64 36.81
CA ASP B 131 -23.32 -26.29 37.52
C ASP B 131 -22.37 -25.26 38.13
N PHE B 132 -21.81 -24.41 37.27
CA PHE B 132 -20.89 -23.35 37.69
C PHE B 132 -21.46 -22.51 38.82
N TRP B 133 -22.76 -22.23 38.74
CA TRP B 133 -23.45 -21.41 39.72
C TRP B 133 -23.61 -22.13 41.05
N ASP B 134 -24.05 -23.39 40.99
CA ASP B 134 -24.41 -24.16 42.18
C ASP B 134 -23.26 -25.00 42.74
N LYS B 135 -22.55 -25.70 41.84
CA LYS B 135 -21.56 -26.69 42.24
C LYS B 135 -20.14 -26.12 42.35
N VAL B 136 -19.72 -25.34 41.33
CA VAL B 136 -18.33 -24.89 41.22
C VAL B 136 -17.98 -23.75 42.19
N LEU B 137 -18.76 -22.66 42.13
CA LEU B 137 -18.54 -21.52 43.03
C LEU B 137 -19.09 -21.82 44.42
N GLU B 138 -18.38 -21.37 45.45
CA GLU B 138 -18.85 -21.45 46.84
C GLU B 138 -20.03 -20.51 47.05
N GLU B 139 -20.68 -20.63 48.22
CA GLU B 139 -21.85 -19.81 48.54
C GLU B 139 -21.56 -18.31 48.40
N ALA B 140 -20.43 -17.86 48.95
CA ALA B 140 -20.03 -16.45 48.90
C ALA B 140 -19.58 -16.00 47.51
N GLU B 141 -18.94 -16.90 46.77
CA GLU B 141 -18.49 -16.64 45.39
C GLU B 141 -19.68 -16.47 44.44
N ALA B 142 -20.65 -17.37 44.54
CA ALA B 142 -21.87 -17.30 43.73
C ALA B 142 -22.71 -16.08 44.11
N GLN B 143 -22.68 -15.71 45.38
CA GLN B 143 -23.41 -14.55 45.91
C GLN B 143 -22.94 -13.27 45.22
N HIS B 144 -21.62 -13.06 45.22
CA HIS B 144 -21.01 -11.89 44.59
C HIS B 144 -21.37 -11.76 43.10
N LEU B 145 -21.59 -12.90 42.45
CA LEU B 145 -21.91 -12.95 41.03
C LEU B 145 -23.27 -12.33 40.70
N TYR B 146 -24.35 -12.84 41.30
CA TYR B 146 -25.69 -12.34 40.99
C TYR B 146 -26.03 -11.03 41.70
N GLN B 147 -25.28 -10.71 42.75
CA GLN B 147 -25.51 -9.50 43.53
C GLN B 147 -24.84 -8.28 42.91
N SER B 148 -23.64 -8.47 42.38
CA SER B 148 -22.85 -7.37 41.85
C SER B 148 -22.56 -7.49 40.35
N ILE B 149 -21.97 -8.62 39.95
CA ILE B 149 -21.43 -8.79 38.59
C ILE B 149 -22.48 -8.76 37.48
N LEU B 150 -23.46 -9.66 37.55
CA LEU B 150 -24.52 -9.74 36.54
C LEU B 150 -25.34 -8.45 36.38
N PRO B 151 -25.86 -7.86 37.48
CA PRO B 151 -26.62 -6.63 37.34
C PRO B 151 -25.80 -5.48 36.73
N ASP B 152 -24.50 -5.46 37.02
CA ASP B 152 -23.60 -4.47 36.44
C ASP B 152 -23.37 -4.76 34.97
N MET B 153 -23.28 -6.05 34.61
CA MET B 153 -23.21 -6.49 33.21
C MET B 153 -24.46 -6.09 32.43
N VAL B 154 -25.60 -6.17 33.09
CA VAL B 154 -26.89 -5.79 32.53
C VAL B 154 -26.90 -4.30 32.15
N LYS B 155 -26.40 -3.46 33.07
CA LYS B 155 -26.37 -2.00 32.87
C LYS B 155 -25.60 -1.59 31.62
N ILE B 156 -24.39 -2.14 31.44
CA ILE B 156 -23.58 -1.83 30.27
C ILE B 156 -24.13 -2.45 28.99
N ALA B 157 -24.78 -3.62 29.12
CA ALA B 157 -25.44 -4.26 27.99
C ALA B 157 -26.60 -3.42 27.48
N LEU B 158 -27.41 -2.89 28.40
CA LEU B 158 -28.59 -2.11 28.03
C LEU B 158 -28.29 -0.66 27.67
N CYS B 159 -27.07 -0.22 27.95
CA CYS B 159 -26.61 1.13 27.57
C CYS B 159 -25.94 1.13 26.20
N LEU B 160 -26.06 0.01 25.48
CA LEU B 160 -25.44 -0.17 24.17
C LEU B 160 -25.69 0.96 23.15
N PRO B 161 -26.93 1.46 23.03
CA PRO B 161 -27.14 2.55 22.08
C PRO B 161 -26.54 3.87 22.55
N ASN B 162 -26.37 4.04 23.85
CA ASN B 162 -25.65 5.19 24.41
C ASN B 162 -24.13 5.04 24.26
N ILE B 163 -23.67 3.78 24.17
CA ILE B 163 -22.24 3.46 24.16
C ILE B 163 -21.68 3.24 22.74
N CYS B 164 -22.38 2.42 21.95
CA CYS B 164 -21.98 2.13 20.57
C CYS B 164 -22.87 2.90 19.60
N THR B 165 -22.63 4.20 19.50
CA THR B 165 -23.50 5.09 18.76
C THR B 165 -23.32 5.01 17.24
N GLN B 166 -22.15 4.56 16.80
CA GLN B 166 -21.81 4.49 15.38
C GLN B 166 -22.00 3.08 14.83
N PRO B 167 -22.58 2.96 13.62
CA PRO B 167 -22.71 1.65 12.97
C PRO B 167 -21.34 1.02 12.72
N ILE B 168 -21.20 -0.23 13.13
CA ILE B 168 -19.94 -0.96 12.98
C ILE B 168 -19.94 -1.76 11.67
N PRO B 169 -19.00 -1.45 10.77
CA PRO B 169 -18.99 -2.14 9.48
C PRO B 169 -18.49 -3.56 9.57
N LEU B 170 -18.89 -4.39 8.61
CA LEU B 170 -18.43 -5.76 8.51
C LEU B 170 -17.13 -5.77 7.75
N LEU B 171 -16.10 -6.38 8.34
CA LEU B 171 -14.82 -6.56 7.68
C LEU B 171 -14.86 -7.78 6.77
N LYS B 172 -15.39 -7.57 5.57
CA LYS B 172 -15.61 -8.64 4.59
C LYS B 172 -14.32 -9.06 3.92
N GLN B 173 -14.34 -10.24 3.29
CA GLN B 173 -13.24 -10.69 2.46
C GLN B 173 -12.88 -9.65 1.39
N LYS B 174 -11.57 -9.46 1.18
CA LYS B 174 -11.01 -8.50 0.21
C LYS B 174 -10.93 -7.05 0.73
N MET B 175 -11.55 -6.77 1.87
CA MET B 175 -11.48 -5.44 2.44
C MET B 175 -10.15 -5.20 3.13
N ASN B 176 -9.58 -4.02 2.93
CA ASN B 176 -8.43 -3.56 3.70
C ASN B 176 -8.91 -2.38 4.55
N HIS B 177 -9.30 -2.68 5.78
CA HIS B 177 -10.02 -1.71 6.60
C HIS B 177 -9.69 -1.86 8.09
N SER B 178 -9.80 -0.76 8.82
CA SER B 178 -9.54 -0.73 10.26
C SER B 178 -10.75 -0.19 11.03
N VAL B 179 -11.02 -0.80 12.18
CA VAL B 179 -12.06 -0.31 13.08
C VAL B 179 -11.47 -0.06 14.46
N THR B 180 -11.54 1.17 14.93
CA THR B 180 -11.04 1.49 16.27
C THR B 180 -12.20 1.82 17.23
N MET B 181 -12.27 1.03 18.31
CA MET B 181 -13.27 1.18 19.35
C MET B 181 -12.58 1.42 20.68
N SER B 182 -13.36 1.81 21.68
CA SER B 182 -12.85 1.86 23.05
C SER B 182 -13.10 0.52 23.73
N GLN B 183 -12.23 0.20 24.70
CA GLN B 183 -12.39 -1.01 25.50
C GLN B 183 -13.73 -1.04 26.22
N GLU B 184 -14.29 0.15 26.49
CA GLU B 184 -15.60 0.27 27.13
C GLU B 184 -16.72 -0.08 26.17
N GLN B 185 -16.54 0.26 24.89
CA GLN B 185 -17.50 -0.12 23.84
C GLN B 185 -17.49 -1.62 23.60
N ILE B 186 -16.31 -2.23 23.64
CA ILE B 186 -16.18 -3.68 23.52
C ILE B 186 -16.87 -4.40 24.69
N ALA B 187 -16.77 -3.83 25.89
CA ALA B 187 -17.40 -4.37 27.10
C ALA B 187 -18.92 -4.46 26.96
N SER B 188 -19.52 -3.44 26.37
CA SER B 188 -20.96 -3.42 26.13
C SER B 188 -21.36 -4.50 25.12
N LEU B 189 -20.52 -4.67 24.09
CA LEU B 189 -20.78 -5.64 23.03
C LEU B 189 -20.62 -7.08 23.52
N LEU B 190 -19.64 -7.30 24.40
CA LEU B 190 -19.37 -8.62 24.95
C LEU B 190 -20.37 -9.01 26.04
N ALA B 191 -20.90 -8.00 26.75
CA ALA B 191 -21.99 -8.22 27.69
C ALA B 191 -23.25 -8.58 26.91
N ASN B 192 -23.47 -7.93 25.77
CA ASN B 192 -24.55 -8.28 24.86
C ASN B 192 -24.40 -9.67 24.24
N ALA B 193 -23.16 -10.04 23.93
CA ALA B 193 -22.87 -11.37 23.40
C ALA B 193 -23.11 -12.46 24.44
N PHE B 194 -22.82 -12.13 25.70
CA PHE B 194 -23.05 -13.04 26.82
C PHE B 194 -24.54 -13.33 27.00
N PHE B 195 -25.37 -12.30 26.84
CA PHE B 195 -26.82 -12.45 26.98
C PHE B 195 -27.49 -12.92 25.69
N CYS B 196 -26.69 -13.16 24.66
CA CYS B 196 -27.15 -13.69 23.36
C CYS B 196 -28.15 -12.78 22.64
N THR B 197 -27.86 -11.48 22.59
CA THR B 197 -28.77 -10.47 22.05
C THR B 197 -28.64 -10.23 20.54
N PHE B 198 -27.49 -10.58 19.97
CA PHE B 198 -27.23 -10.31 18.55
C PHE B 198 -28.12 -11.12 17.61
N PRO B 199 -28.93 -10.43 16.78
CA PRO B 199 -29.83 -11.09 15.83
C PRO B 199 -29.12 -11.68 14.62
N ARG B 200 -29.76 -12.69 14.02
CA ARG B 200 -29.33 -13.32 12.76
C ARG B 200 -28.00 -14.07 12.87
N ARG B 201 -27.62 -14.43 14.08
CA ARG B 201 -26.32 -15.06 14.34
C ARG B 201 -26.43 -16.47 14.95
N ASN B 202 -27.65 -17.00 14.97
CA ASN B 202 -27.93 -18.22 15.72
C ASN B 202 -28.27 -19.44 14.86
N ALA B 203 -29.15 -19.26 13.88
CA ALA B 203 -29.67 -20.37 13.08
C ALA B 203 -28.57 -21.17 12.35
N LYS B 204 -28.83 -22.46 12.14
CA LYS B 204 -27.88 -23.32 11.42
C LYS B 204 -27.92 -23.04 9.92
N MET B 205 -29.13 -22.89 9.37
CA MET B 205 -29.31 -22.71 7.93
C MET B 205 -29.65 -21.26 7.54
N LYS B 206 -28.89 -20.31 8.11
CA LYS B 206 -28.94 -18.91 7.69
C LYS B 206 -27.84 -18.63 6.67
N SER B 207 -28.00 -17.54 5.90
CA SER B 207 -27.11 -17.28 4.77
C SER B 207 -26.17 -16.09 4.94
N GLU B 208 -26.69 -14.98 5.48
CA GLU B 208 -25.90 -13.74 5.59
C GLU B 208 -24.65 -13.91 6.46
N TYR B 209 -24.81 -14.51 7.63
CA TYR B 209 -23.70 -14.68 8.57
C TYR B 209 -23.18 -16.11 8.66
N SER B 210 -23.33 -16.88 7.59
CA SER B 210 -22.82 -18.25 7.54
C SER B 210 -21.31 -18.30 7.36
N SER B 211 -20.76 -17.28 6.71
CA SER B 211 -19.31 -17.15 6.51
C SER B 211 -18.65 -16.36 7.64
N TYR B 212 -19.39 -16.20 8.74
CA TYR B 212 -18.88 -15.54 9.94
C TYR B 212 -18.87 -16.53 11.09
N PRO B 213 -17.93 -16.37 12.05
CA PRO B 213 -17.98 -17.21 13.23
C PRO B 213 -19.17 -16.84 14.14
N ASP B 214 -19.46 -17.66 15.14
CA ASP B 214 -20.53 -17.38 16.09
C ASP B 214 -20.09 -16.29 17.06
N ILE B 215 -21.02 -15.42 17.43
CA ILE B 215 -20.73 -14.35 18.39
C ILE B 215 -21.40 -14.56 19.75
N ASN B 216 -22.66 -14.96 19.74
CA ASN B 216 -23.42 -15.20 20.98
C ASN B 216 -22.81 -16.33 21.83
N PHE B 217 -22.77 -16.10 23.15
CA PHE B 217 -22.04 -16.95 24.10
C PHE B 217 -22.75 -18.24 24.49
N ASN B 218 -23.91 -18.49 23.88
CA ASN B 218 -24.80 -19.60 24.25
C ASN B 218 -24.14 -20.99 24.38
N ARG B 219 -23.09 -21.23 23.62
CA ARG B 219 -22.41 -22.53 23.65
C ARG B 219 -21.51 -22.72 24.87
N LEU B 220 -21.19 -21.62 25.55
CA LEU B 220 -20.42 -21.69 26.79
C LEU B 220 -21.27 -22.21 27.95
N PHE B 221 -22.59 -22.17 27.78
CA PHE B 221 -23.53 -22.59 28.82
C PHE B 221 -23.84 -24.10 28.78
N GLU B 222 -23.77 -24.70 27.59
CA GLU B 222 -24.15 -26.10 27.41
C GLU B 222 -23.07 -27.10 27.80
N GLY B 223 -23.45 -28.38 27.88
CA GLY B 223 -22.50 -29.46 28.10
C GLY B 223 -22.23 -29.81 29.56
N ARG B 224 -21.46 -30.88 29.76
CA ARG B 224 -21.06 -31.32 31.09
C ARG B 224 -19.52 -31.42 31.20
N SER B 225 -18.83 -30.93 30.17
CA SER B 225 -17.37 -30.90 30.13
C SER B 225 -16.80 -30.04 31.27
N SER B 226 -15.60 -30.40 31.71
CA SER B 226 -14.90 -29.65 32.75
C SER B 226 -14.20 -28.40 32.18
N ARG B 227 -14.25 -28.26 30.86
CA ARG B 227 -13.69 -27.10 30.17
C ARG B 227 -14.53 -25.84 30.39
N LYS B 228 -15.85 -26.02 30.50
CA LYS B 228 -16.79 -24.91 30.58
C LYS B 228 -16.72 -24.07 31.88
N PRO B 229 -16.50 -24.71 33.04
CA PRO B 229 -16.31 -23.93 34.27
C PRO B 229 -15.07 -23.05 34.25
N GLU B 230 -13.99 -23.54 33.64
CA GLU B 230 -12.74 -22.80 33.55
C GLU B 230 -12.86 -21.59 32.62
N LYS B 231 -13.62 -21.75 31.54
CA LYS B 231 -13.87 -20.67 30.61
C LYS B 231 -14.75 -19.59 31.24
N LEU B 232 -15.68 -20.01 32.10
CA LEU B 232 -16.59 -19.07 32.77
C LEU B 232 -15.89 -18.25 33.85
N LYS B 233 -14.99 -18.87 34.60
CA LYS B 233 -14.13 -18.15 35.55
C LYS B 233 -13.38 -17.04 34.83
N THR B 234 -12.72 -17.41 33.72
CA THR B 234 -11.92 -16.49 32.94
C THR B 234 -12.74 -15.30 32.43
N LEU B 235 -13.96 -15.57 31.99
CA LEU B 235 -14.82 -14.52 31.47
C LEU B 235 -15.46 -13.66 32.56
N PHE B 236 -15.87 -14.29 33.67
CA PHE B 236 -16.39 -13.52 34.80
C PHE B 236 -15.30 -12.76 35.53
N CYS B 237 -14.05 -13.12 35.26
CA CYS B 237 -12.90 -12.35 35.75
C CYS B 237 -12.83 -11.00 35.02
N TYR B 238 -12.95 -11.06 33.69
CA TYR B 238 -12.97 -9.90 32.83
C TYR B 238 -14.16 -8.97 33.14
N PHE B 239 -15.37 -9.51 33.14
CA PHE B 239 -16.58 -8.74 33.45
C PHE B 239 -16.52 -8.16 34.87
N ARG B 240 -15.98 -8.91 35.81
CA ARG B 240 -15.71 -8.43 37.17
C ARG B 240 -14.89 -7.15 37.13
N ARG B 241 -13.79 -7.19 36.38
CA ARG B 241 -12.80 -6.11 36.35
C ARG B 241 -13.30 -4.88 35.60
N VAL B 242 -14.06 -5.11 34.53
CA VAL B 242 -14.54 -4.04 33.66
C VAL B 242 -15.72 -3.27 34.25
N THR B 243 -16.60 -3.98 34.96
CA THR B 243 -17.75 -3.35 35.60
C THR B 243 -17.40 -2.64 36.92
N GLU B 244 -16.32 -3.09 37.57
CA GLU B 244 -15.81 -2.45 38.78
C GLU B 244 -15.01 -1.18 38.44
N LYS B 245 -14.21 -1.26 37.39
CA LYS B 245 -13.34 -0.16 36.96
C LYS B 245 -13.31 -0.09 35.44
N LYS B 246 -13.93 0.94 34.87
CA LYS B 246 -14.04 1.09 33.42
C LYS B 246 -12.69 1.24 32.72
N PRO B 247 -12.47 0.46 31.65
CA PRO B 247 -11.23 0.55 30.86
C PRO B 247 -11.22 1.78 29.97
N THR B 248 -10.07 2.44 29.88
CA THR B 248 -10.00 3.76 29.24
C THR B 248 -9.26 3.77 27.90
N GLY B 249 -8.74 2.61 27.50
CA GLY B 249 -7.92 2.52 26.30
C GLY B 249 -8.72 2.23 25.04
N LEU B 250 -8.01 2.15 23.92
CA LEU B 250 -8.62 1.88 22.62
C LEU B 250 -8.07 0.60 22.01
N VAL B 251 -8.86 -0.01 21.13
CA VAL B 251 -8.47 -1.21 20.40
C VAL B 251 -8.78 -1.03 18.92
N THR B 252 -7.85 -1.45 18.06
CA THR B 252 -8.00 -1.40 16.61
C THR B 252 -8.08 -2.79 16.01
N PHE B 253 -9.05 -2.99 15.12
CA PHE B 253 -9.18 -4.24 14.38
C PHE B 253 -8.94 -3.92 12.91
N THR B 254 -7.87 -4.44 12.35
CA THR B 254 -7.53 -4.25 10.95
C THR B 254 -7.61 -5.58 10.21
N ARG B 255 -8.31 -5.60 9.08
CA ARG B 255 -8.21 -6.73 8.18
C ARG B 255 -7.22 -6.34 7.10
N GLN B 256 -6.34 -7.27 6.74
CA GLN B 256 -5.41 -7.05 5.65
C GLN B 256 -5.54 -8.13 4.58
N SER B 257 -5.66 -7.69 3.34
CA SER B 257 -5.84 -8.57 2.21
C SER B 257 -4.91 -8.09 1.10
N LEU B 258 -3.92 -8.93 0.75
CA LEU B 258 -2.98 -8.57 -0.30
C LEU B 258 -3.29 -9.32 -1.59
N GLU B 259 -3.13 -8.65 -2.72
CA GLU B 259 -3.31 -9.31 -4.01
C GLU B 259 -1.96 -9.66 -4.62
N ASP B 260 -0.94 -8.90 -4.22
CA ASP B 260 0.41 -9.06 -4.74
C ASP B 260 1.35 -9.58 -3.66
N PHE B 261 2.26 -10.45 -4.06
CA PHE B 261 3.19 -11.10 -3.15
C PHE B 261 4.59 -11.12 -3.72
N PRO B 262 5.62 -11.27 -2.87
CA PRO B 262 6.99 -11.32 -3.39
C PRO B 262 7.10 -12.42 -4.44
N GLU B 263 7.89 -12.17 -5.47
CA GLU B 263 8.23 -13.20 -6.42
C GLU B 263 9.29 -14.06 -5.73
N TRP B 264 8.84 -15.09 -5.03
CA TRP B 264 9.68 -15.83 -4.09
C TRP B 264 10.95 -16.41 -4.72
N GLU B 265 10.87 -16.79 -5.99
CA GLU B 265 11.99 -17.41 -6.69
C GLU B 265 13.17 -16.45 -6.91
N ARG B 266 12.87 -15.15 -6.97
CA ARG B 266 13.85 -14.14 -7.32
C ARG B 266 14.03 -13.07 -6.24
N CYS B 267 13.38 -13.26 -5.10
CA CYS B 267 13.45 -12.28 -4.01
C CYS B 267 14.88 -12.17 -3.48
N GLU B 268 15.35 -10.93 -3.36
CA GLU B 268 16.75 -10.64 -3.04
C GLU B 268 16.97 -10.20 -1.59
N LYS B 269 15.90 -10.13 -0.82
CA LYS B 269 15.97 -9.71 0.57
C LYS B 269 16.79 -10.70 1.39
N PRO B 270 17.72 -10.17 2.21
CA PRO B 270 18.52 -11.04 3.06
C PRO B 270 17.71 -11.55 4.23
N LEU B 271 18.16 -12.63 4.85
CA LEU B 271 17.57 -13.14 6.08
C LEU B 271 17.82 -12.16 7.24
N THR B 272 16.90 -12.15 8.20
CA THR B 272 16.98 -11.23 9.33
C THR B 272 17.41 -11.93 10.61
N ARG B 273 17.44 -11.21 11.72
CA ARG B 273 17.92 -11.77 12.98
C ARG B 273 16.95 -12.79 13.59
N LEU B 274 17.50 -13.81 14.22
CA LEU B 274 16.72 -14.86 14.88
C LEU B 274 17.10 -15.04 16.34
N HIS B 275 16.08 -15.16 17.19
CA HIS B 275 16.24 -15.60 18.57
C HIS B 275 15.31 -16.78 18.75
N VAL B 276 15.87 -17.95 19.05
CA VAL B 276 15.06 -19.15 19.19
C VAL B 276 15.29 -19.81 20.56
N THR B 277 14.18 -20.17 21.24
CA THR B 277 14.22 -20.68 22.62
C THR B 277 13.16 -21.76 22.86
N TYR B 278 13.46 -22.67 23.80
CA TYR B 278 12.50 -23.72 24.14
C TYR B 278 11.75 -23.49 25.47
N GLU B 279 12.10 -22.41 26.16
CA GLU B 279 11.33 -21.94 27.30
C GLU B 279 10.65 -20.62 26.91
N GLY B 280 9.71 -20.17 27.73
CA GLY B 280 9.05 -18.90 27.48
C GLY B 280 7.80 -19.04 26.63
N THR B 281 6.98 -18.00 26.67
CA THR B 281 5.70 -17.96 25.98
C THR B 281 5.63 -16.77 25.04
N ILE B 282 4.77 -16.86 24.03
CA ILE B 282 4.55 -15.74 23.12
C ILE B 282 3.99 -14.51 23.87
N GLU B 283 3.00 -14.73 24.74
CA GLU B 283 2.37 -13.63 25.48
C GLU B 283 3.21 -13.04 26.61
N GLY B 284 3.97 -13.89 27.29
CA GLY B 284 4.79 -13.44 28.41
C GLY B 284 6.14 -12.91 27.95
N ASN B 285 6.82 -13.67 27.11
CA ASN B 285 8.18 -13.33 26.68
C ASN B 285 8.24 -12.42 25.47
N GLY B 286 7.18 -12.40 24.67
CA GLY B 286 7.15 -11.60 23.47
C GLY B 286 6.34 -10.32 23.58
N ARG B 287 6.35 -9.69 24.75
CA ARG B 287 5.61 -8.44 24.92
C ARG B 287 6.25 -7.28 24.14
N GLY B 288 5.41 -6.46 23.52
CA GLY B 288 5.88 -5.37 22.65
C GLY B 288 6.19 -5.85 21.25
N MET B 289 6.03 -7.15 21.01
CA MET B 289 6.34 -7.76 19.73
C MET B 289 5.08 -8.21 19.02
N LEU B 290 5.17 -8.40 17.71
CA LEU B 290 4.06 -8.94 16.94
C LEU B 290 3.86 -10.42 17.32
N GLN B 291 2.77 -10.66 18.03
CA GLN B 291 2.45 -11.97 18.55
C GLN B 291 1.54 -12.72 17.58
N VAL B 292 1.98 -13.89 17.16
CA VAL B 292 1.21 -14.66 16.20
C VAL B 292 0.16 -15.50 16.91
N ASP B 293 -1.08 -15.28 16.51
CA ASP B 293 -2.18 -16.14 16.88
C ASP B 293 -2.28 -17.24 15.82
N PHE B 294 -2.03 -18.48 16.22
CA PHE B 294 -2.18 -19.61 15.29
C PHE B 294 -3.67 -19.87 15.07
N ALA B 295 -4.24 -19.11 14.14
CA ALA B 295 -5.69 -19.04 13.98
C ALA B 295 -6.31 -20.17 13.17
N ASN B 296 -7.61 -20.37 13.40
CA ASN B 296 -8.48 -21.02 12.45
C ASN B 296 -8.95 -19.92 11.49
N ARG B 297 -9.44 -20.30 10.31
CA ARG B 297 -9.86 -19.29 9.32
C ARG B 297 -11.05 -18.47 9.82
N PHE B 298 -11.85 -19.07 10.70
CA PHE B 298 -12.82 -18.34 11.51
C PHE B 298 -12.10 -17.97 12.80
N VAL B 299 -11.85 -16.68 12.99
CA VAL B 299 -11.03 -16.19 14.11
C VAL B 299 -11.63 -16.49 15.49
N GLY B 300 -10.75 -16.76 16.46
CA GLY B 300 -11.19 -17.00 17.84
C GLY B 300 -11.37 -18.45 18.23
N GLY B 301 -11.03 -19.37 17.34
CA GLY B 301 -11.09 -20.79 17.66
C GLY B 301 -12.17 -21.54 16.93
N GLY B 302 -12.37 -21.20 15.66
CA GLY B 302 -13.31 -21.90 14.80
C GLY B 302 -14.67 -21.24 14.80
N VAL B 303 -15.50 -21.63 13.82
CA VAL B 303 -16.88 -21.14 13.72
C VAL B 303 -17.61 -21.18 15.06
N THR B 304 -17.31 -22.23 15.83
CA THR B 304 -18.02 -22.59 17.04
C THR B 304 -17.38 -21.97 18.30
N GLY B 305 -16.05 -21.85 18.29
CA GLY B 305 -15.31 -21.37 19.45
C GLY B 305 -14.88 -22.50 20.37
N ALA B 306 -15.04 -23.73 19.89
CA ALA B 306 -14.70 -24.94 20.65
C ALA B 306 -13.20 -25.08 20.86
N GLY B 307 -12.84 -25.68 21.99
CA GLY B 307 -11.44 -26.02 22.29
C GLY B 307 -10.76 -25.16 23.34
N LEU B 308 -9.58 -25.62 23.76
CA LEU B 308 -8.72 -24.85 24.66
C LEU B 308 -7.26 -24.91 24.20
N VAL B 309 -7.08 -24.82 22.88
CA VAL B 309 -5.77 -24.80 22.26
C VAL B 309 -5.26 -23.34 22.24
N GLN B 310 -4.12 -23.07 21.64
CA GLN B 310 -3.50 -21.76 21.65
C GLN B 310 -4.45 -20.59 21.46
N GLU B 311 -5.23 -20.62 20.40
CA GLU B 311 -6.04 -19.51 20.07
C GLU B 311 -7.05 -19.20 21.12
N ASN B 312 -7.81 -20.22 21.47
CA ASN B 312 -8.88 -20.14 22.41
C ASN B 312 -8.46 -19.46 23.69
N ILE B 313 -7.34 -19.88 24.23
CA ILE B 313 -6.87 -19.37 25.47
C ILE B 313 -6.59 -17.93 25.30
N ARG B 314 -5.91 -17.59 24.24
CA ARG B 314 -5.57 -16.20 23.99
C ARG B 314 -6.82 -15.31 23.98
N PHE B 315 -7.86 -15.78 23.32
CA PHE B 315 -9.11 -15.06 23.24
C PHE B 315 -9.87 -15.03 24.57
N LEU B 316 -9.49 -15.90 25.51
CA LEU B 316 -10.10 -15.91 26.84
C LEU B 316 -9.40 -14.97 27.84
N ILE B 317 -8.08 -14.95 27.81
CA ILE B 317 -7.30 -14.08 28.71
C ILE B 317 -7.22 -12.63 28.20
N ASN B 318 -7.33 -12.44 26.88
CA ASN B 318 -7.54 -11.12 26.30
C ASN B 318 -8.90 -11.11 25.59
N PRO B 319 -10.00 -11.18 26.37
CA PRO B 319 -11.33 -11.41 25.78
C PRO B 319 -11.81 -10.32 24.82
N GLU B 320 -11.18 -9.14 24.85
CA GLU B 320 -11.55 -8.10 23.90
C GLU B 320 -11.31 -8.54 22.45
N LEU B 321 -10.48 -9.58 22.29
CA LEU B 321 -10.28 -10.22 21.00
C LEU B 321 -11.56 -10.87 20.47
N ILE B 322 -12.41 -11.34 21.38
CA ILE B 322 -13.64 -12.05 21.00
C ILE B 322 -14.54 -11.20 20.11
N VAL B 323 -14.65 -9.91 20.40
CA VAL B 323 -15.53 -9.00 19.66
C VAL B 323 -15.21 -8.94 18.15
N SER B 324 -14.05 -9.48 17.76
CA SER B 324 -13.71 -9.59 16.34
C SER B 324 -14.60 -10.62 15.63
N ARG B 325 -15.03 -11.63 16.38
CA ARG B 325 -15.98 -12.63 15.87
C ARG B 325 -17.31 -12.01 15.44
N LEU B 326 -17.59 -10.79 15.93
CA LEU B 326 -18.82 -10.07 15.58
C LEU B 326 -18.82 -9.54 14.15
N PHE B 327 -17.66 -9.15 13.63
CA PHE B 327 -17.60 -8.45 12.34
C PHE B 327 -16.54 -8.95 11.33
N THR B 328 -15.79 -9.97 11.71
CA THR B 328 -14.72 -10.48 10.84
C THR B 328 -15.13 -11.75 10.12
N GLU B 329 -15.37 -11.61 8.81
CA GLU B 329 -15.70 -12.75 7.94
C GLU B 329 -14.53 -13.75 7.91
N VAL B 330 -14.83 -15.00 7.58
CA VAL B 330 -13.82 -16.05 7.46
C VAL B 330 -12.67 -15.61 6.54
N LEU B 331 -11.44 -15.86 7.00
CA LEU B 331 -10.24 -15.45 6.25
C LEU B 331 -9.98 -16.30 5.01
N ASP B 332 -9.69 -15.63 3.90
CA ASP B 332 -9.28 -16.31 2.68
C ASP B 332 -7.75 -16.53 2.69
N HIS B 333 -7.22 -17.11 1.62
CA HIS B 333 -5.80 -17.46 1.53
C HIS B 333 -4.83 -16.27 1.62
N ASN B 334 -5.30 -15.08 1.24
CA ASN B 334 -4.45 -13.89 1.21
C ASN B 334 -4.74 -12.86 2.32
N GLU B 335 -5.38 -13.30 3.40
CA GLU B 335 -5.89 -12.39 4.42
C GLU B 335 -5.38 -12.66 5.84
N CYS B 336 -5.36 -11.61 6.65
CA CYS B 336 -5.10 -11.75 8.09
C CYS B 336 -5.85 -10.68 8.89
N LEU B 337 -5.90 -10.87 10.20
CA LEU B 337 -6.56 -9.92 11.08
C LEU B 337 -5.58 -9.44 12.13
N ILE B 338 -5.36 -8.13 12.17
CA ILE B 338 -4.42 -7.53 13.10
C ILE B 338 -5.19 -6.75 14.17
N ILE B 339 -4.91 -7.08 15.42
CA ILE B 339 -5.57 -6.45 16.56
C ILE B 339 -4.56 -5.82 17.51
N THR B 340 -4.67 -4.50 17.68
CA THR B 340 -3.77 -3.76 18.54
C THR B 340 -4.52 -3.19 19.75
N GLY B 341 -3.99 -3.46 20.94
CA GLY B 341 -4.45 -2.76 22.13
C GLY B 341 -5.30 -3.55 23.12
N THR B 342 -5.43 -4.85 22.90
CA THR B 342 -6.16 -5.71 23.83
C THR B 342 -5.40 -5.87 25.15
N GLU B 343 -6.17 -6.08 26.22
CA GLU B 343 -5.65 -6.15 27.57
C GLU B 343 -5.73 -7.59 28.05
N GLN B 344 -4.74 -8.02 28.83
CA GLN B 344 -4.77 -9.33 29.47
C GLN B 344 -5.40 -9.21 30.84
N TYR B 345 -6.51 -9.92 31.04
CA TYR B 345 -7.28 -9.81 32.26
C TYR B 345 -7.08 -10.98 33.22
N SER B 346 -6.55 -12.08 32.69
CA SER B 346 -6.43 -13.32 33.46
C SER B 346 -5.09 -14.01 33.28
N GLU B 347 -4.68 -14.72 34.33
CA GLU B 347 -3.52 -15.61 34.26
C GLU B 347 -3.99 -17.05 34.37
N TYR B 348 -3.29 -17.94 33.69
CA TYR B 348 -3.72 -19.34 33.60
C TYR B 348 -2.58 -20.34 33.81
N THR B 349 -2.96 -21.57 34.17
CA THR B 349 -2.02 -22.69 34.21
C THR B 349 -2.50 -23.78 33.26
N GLY B 350 -1.55 -24.56 32.76
CA GLY B 350 -1.87 -25.73 31.93
C GLY B 350 -2.17 -25.43 30.47
N TYR B 351 -2.81 -26.39 29.81
CA TYR B 351 -3.10 -26.32 28.38
C TYR B 351 -4.18 -27.34 28.03
N ALA B 352 -5.01 -27.00 27.04
CA ALA B 352 -6.08 -27.88 26.56
C ALA B 352 -6.92 -28.48 27.69
N GLU B 353 -6.75 -29.77 27.96
CA GLU B 353 -7.52 -30.47 28.98
C GLU B 353 -7.12 -30.10 30.41
N THR B 354 -5.90 -29.59 30.56
CA THR B 354 -5.38 -29.18 31.87
C THR B 354 -5.48 -27.66 32.12
N TYR B 355 -6.09 -26.94 31.18
CA TYR B 355 -6.26 -25.50 31.31
C TYR B 355 -7.01 -25.12 32.58
N ARG B 356 -6.44 -24.20 33.35
CA ARG B 356 -7.05 -23.70 34.58
C ARG B 356 -6.87 -22.19 34.72
N TRP B 357 -7.90 -21.50 35.17
CA TRP B 357 -7.80 -20.08 35.54
C TRP B 357 -7.06 -19.96 36.87
N ALA B 358 -5.88 -19.36 36.84
CA ALA B 358 -5.01 -19.29 38.02
C ALA B 358 -5.39 -18.13 38.95
N ARG B 359 -5.32 -16.91 38.42
CA ARG B 359 -5.69 -15.68 39.14
C ARG B 359 -5.86 -14.54 38.15
N SER B 360 -6.43 -13.43 38.61
CA SER B 360 -6.61 -12.24 37.78
C SER B 360 -5.29 -11.53 37.53
N HIS B 361 -5.15 -10.99 36.32
CA HIS B 361 -3.93 -10.29 35.91
C HIS B 361 -4.16 -8.78 35.86
N GLU B 362 -3.20 -8.03 36.37
CA GLU B 362 -3.25 -6.57 36.27
C GLU B 362 -2.25 -6.09 35.21
N ASP B 363 -2.75 -5.94 33.98
CA ASP B 363 -1.93 -5.54 32.84
C ASP B 363 -1.30 -4.19 33.07
N GLY B 364 0.02 -4.11 32.92
CA GLY B 364 0.76 -2.88 33.16
C GLY B 364 1.55 -2.39 31.95
N SER B 365 1.21 -2.90 30.77
CA SER B 365 1.85 -2.49 29.52
C SER B 365 1.51 -1.03 29.18
N GLU B 366 2.46 -0.35 28.53
CA GLU B 366 2.29 1.05 28.16
C GLU B 366 1.29 1.22 27.02
N LYS B 367 0.91 2.48 26.78
CA LYS B 367 -0.04 2.83 25.73
C LYS B 367 0.59 3.78 24.71
N ASP B 368 0.17 3.67 23.45
CA ASP B 368 0.62 4.60 22.41
C ASP B 368 -0.19 5.91 22.41
N ASP B 369 0.05 6.78 21.43
CA ASP B 369 -0.64 8.08 21.31
C ASP B 369 -2.15 7.93 21.14
N TRP B 370 -2.58 6.76 20.69
CA TRP B 370 -3.99 6.46 20.47
C TRP B 370 -4.59 5.70 21.65
N GLN B 371 -3.92 5.76 22.80
CA GLN B 371 -4.32 5.03 24.00
C GLN B 371 -4.54 3.53 23.76
N ARG B 372 -3.76 2.97 22.84
CA ARG B 372 -3.78 1.53 22.61
C ARG B 372 -2.62 0.89 23.36
N ARG B 373 -2.93 -0.11 24.18
CA ARG B 373 -1.92 -0.90 24.86
C ARG B 373 -0.96 -1.51 23.85
N CYS B 374 0.33 -1.51 24.17
CA CYS B 374 1.36 -1.97 23.25
C CYS B 374 1.40 -3.51 23.16
N THR B 375 0.29 -4.05 22.68
CA THR B 375 0.10 -5.48 22.46
C THR B 375 -0.49 -5.61 21.06
N GLU B 376 0.22 -6.32 20.19
CA GLU B 376 -0.21 -6.48 18.80
C GLU B 376 -0.28 -7.97 18.50
N ILE B 377 -1.42 -8.39 17.96
CA ILE B 377 -1.68 -9.79 17.68
C ILE B 377 -2.18 -9.96 16.25
N VAL B 378 -1.57 -10.90 15.52
CA VAL B 378 -2.04 -11.21 14.18
C VAL B 378 -2.56 -12.63 14.08
N ALA B 379 -3.78 -12.77 13.58
CA ALA B 379 -4.36 -14.07 13.33
C ALA B 379 -4.01 -14.51 11.92
N ILE B 380 -3.26 -15.61 11.83
CA ILE B 380 -2.98 -16.26 10.54
C ILE B 380 -3.24 -17.75 10.65
N ASP B 381 -4.06 -18.25 9.73
CA ASP B 381 -4.49 -19.65 9.74
C ASP B 381 -3.64 -20.50 8.80
N ALA B 382 -3.03 -21.53 9.36
CA ALA B 382 -2.23 -22.48 8.60
C ALA B 382 -3.15 -23.45 7.88
N LEU B 383 -2.64 -24.04 6.81
CA LEU B 383 -3.32 -25.17 6.20
C LEU B 383 -3.14 -26.41 7.07
N HIS B 384 -4.13 -27.29 7.01
CA HIS B 384 -4.07 -28.60 7.63
C HIS B 384 -3.62 -29.58 6.55
N PHE B 385 -2.60 -30.39 6.85
CA PHE B 385 -2.11 -31.36 5.89
C PHE B 385 -2.45 -32.79 6.27
N ARG B 386 -3.39 -33.36 5.52
CA ARG B 386 -3.86 -34.71 5.75
C ARG B 386 -3.01 -35.76 5.03
N ARG B 387 -2.19 -35.29 4.09
CA ARG B 387 -1.12 -36.07 3.50
C ARG B 387 0.16 -35.26 3.69
N TYR B 388 1.15 -35.86 4.37
CA TYR B 388 2.40 -35.17 4.75
C TYR B 388 3.11 -34.44 3.60
N LEU B 389 3.33 -35.15 2.49
CA LEU B 389 4.06 -34.63 1.33
C LEU B 389 3.44 -33.39 0.67
N ASP B 390 2.17 -33.12 0.94
CA ASP B 390 1.47 -32.03 0.28
C ASP B 390 2.08 -30.67 0.60
N GLN B 391 2.62 -30.52 1.82
CA GLN B 391 3.18 -29.23 2.23
C GLN B 391 4.47 -28.85 1.51
N PHE B 392 5.12 -29.82 0.88
CA PHE B 392 6.35 -29.55 0.13
C PHE B 392 6.08 -29.20 -1.34
N VAL B 393 4.83 -29.34 -1.76
CA VAL B 393 4.42 -28.94 -3.10
C VAL B 393 4.51 -27.41 -3.18
N PRO B 394 5.25 -26.88 -4.19
CA PRO B 394 5.54 -25.44 -4.29
C PRO B 394 4.32 -24.54 -4.08
N GLU B 395 3.20 -24.90 -4.72
CA GLU B 395 1.91 -24.26 -4.52
C GLU B 395 1.59 -24.03 -3.03
N LYS B 396 1.85 -25.06 -2.23
CA LYS B 396 1.49 -25.05 -0.81
C LYS B 396 2.52 -24.32 0.02
N VAL B 397 3.79 -24.42 -0.39
CA VAL B 397 4.87 -23.67 0.22
C VAL B 397 4.60 -22.18 0.03
N ARG B 398 4.25 -21.79 -1.19
CA ARG B 398 3.95 -20.40 -1.52
C ARG B 398 2.75 -19.89 -0.74
N ARG B 399 1.71 -20.73 -0.62
CA ARG B 399 0.50 -20.39 0.14
C ARG B 399 0.83 -19.98 1.58
N GLU B 400 1.54 -20.85 2.30
CA GLU B 400 1.91 -20.58 3.68
C GLU B 400 2.83 -19.38 3.80
N LEU B 401 3.75 -19.27 2.83
CA LEU B 401 4.69 -18.16 2.73
C LEU B 401 3.93 -16.85 2.57
N ASN B 402 2.94 -16.84 1.68
CA ASN B 402 2.11 -15.68 1.42
C ASN B 402 1.24 -15.32 2.61
N LYS B 403 0.74 -16.34 3.30
CA LYS B 403 -0.12 -16.15 4.47
C LYS B 403 0.68 -15.55 5.64
N ALA B 404 1.85 -16.12 5.92
CA ALA B 404 2.75 -15.57 6.93
C ALA B 404 3.16 -14.14 6.57
N TYR B 405 3.55 -13.93 5.31
CA TYR B 405 3.93 -12.61 4.81
C TYR B 405 2.85 -11.55 5.07
N CYS B 406 1.61 -11.90 4.73
CA CYS B 406 0.46 -11.01 4.91
C CYS B 406 0.33 -10.57 6.37
N GLY B 407 0.57 -11.50 7.29
CA GLY B 407 0.50 -11.24 8.72
C GLY B 407 1.65 -10.41 9.26
N PHE B 408 2.75 -10.39 8.52
CA PHE B 408 3.96 -9.66 8.94
C PHE B 408 4.11 -8.29 8.29
N LEU B 409 3.67 -8.16 7.05
CA LEU B 409 3.83 -6.92 6.30
C LEU B 409 3.00 -5.77 6.86
N ARG B 410 3.64 -4.62 7.04
CA ARG B 410 2.95 -3.39 7.42
C ARG B 410 3.32 -2.36 6.37
N PRO B 411 2.46 -2.22 5.34
CA PRO B 411 2.77 -1.33 4.21
C PRO B 411 2.97 0.11 4.68
N GLY B 412 4.05 0.73 4.20
CA GLY B 412 4.33 2.14 4.47
C GLY B 412 5.06 2.41 5.77
N VAL B 413 5.42 1.34 6.49
CA VAL B 413 6.15 1.45 7.74
C VAL B 413 7.59 1.03 7.51
N PRO B 414 8.55 1.92 7.82
CA PRO B 414 9.98 1.60 7.70
C PRO B 414 10.35 0.43 8.61
N SER B 415 11.18 -0.47 8.10
CA SER B 415 11.55 -1.68 8.84
C SER B 415 12.07 -1.40 10.25
N GLU B 416 12.84 -0.32 10.42
CA GLU B 416 13.39 0.04 11.73
C GLU B 416 12.33 0.45 12.75
N ASN B 417 11.08 0.54 12.30
CA ASN B 417 9.95 0.83 13.18
C ASN B 417 9.08 -0.39 13.45
N LEU B 418 9.54 -1.54 12.98
CA LEU B 418 8.79 -2.79 13.12
C LEU B 418 9.38 -3.67 14.22
N SER B 419 8.53 -4.11 15.13
CA SER B 419 8.97 -5.01 16.19
C SER B 419 9.28 -6.40 15.63
N ALA B 420 10.08 -7.16 16.35
CA ALA B 420 10.33 -8.55 15.99
C ALA B 420 9.03 -9.36 16.01
N VAL B 421 8.96 -10.41 15.22
CA VAL B 421 7.82 -11.31 15.21
C VAL B 421 8.00 -12.34 16.31
N ALA B 422 7.06 -12.41 17.25
CA ALA B 422 7.04 -13.47 18.25
C ALA B 422 6.16 -14.60 17.74
N THR B 423 6.77 -15.76 17.49
CA THR B 423 6.05 -16.87 16.89
C THR B 423 6.53 -18.24 17.38
N GLY B 424 6.01 -19.31 16.79
CA GLY B 424 6.42 -20.66 17.14
C GLY B 424 5.93 -21.66 16.12
N ASN B 425 5.73 -22.90 16.57
CA ASN B 425 5.17 -23.94 15.73
C ASN B 425 3.77 -23.58 15.27
N TRP B 426 3.65 -23.36 13.96
CA TRP B 426 2.43 -22.86 13.36
C TRP B 426 1.84 -23.96 12.49
N GLY B 427 0.62 -24.38 12.84
CA GLY B 427 -0.09 -25.44 12.13
C GLY B 427 0.59 -26.79 12.20
N CYS B 428 1.35 -27.03 13.27
CA CYS B 428 2.05 -28.31 13.41
C CYS B 428 1.33 -29.26 14.36
N GLY B 429 2.00 -30.35 14.73
CA GLY B 429 1.39 -31.39 15.53
C GLY B 429 0.28 -32.09 14.74
N ALA B 430 -0.89 -32.18 15.35
CA ALA B 430 -2.02 -32.92 14.76
C ALA B 430 -2.58 -32.31 13.48
N PHE B 431 -2.30 -31.02 13.24
CA PHE B 431 -2.71 -30.38 11.99
C PHE B 431 -1.82 -30.79 10.81
N GLY B 432 -0.82 -31.63 11.08
CA GLY B 432 -0.02 -32.25 10.03
C GLY B 432 1.26 -31.55 9.59
N GLY B 433 1.40 -30.26 9.89
CA GLY B 433 2.55 -29.48 9.43
C GLY B 433 3.90 -29.93 9.99
N ASP B 434 4.94 -29.82 9.17
CA ASP B 434 6.31 -30.10 9.57
C ASP B 434 6.92 -28.87 10.23
N ALA B 435 7.33 -29.01 11.49
CA ALA B 435 7.86 -27.90 12.27
C ALA B 435 9.06 -27.24 11.60
N ARG B 436 9.99 -28.06 11.11
CA ARG B 436 11.23 -27.54 10.52
C ARG B 436 10.99 -26.74 9.25
N LEU B 437 10.05 -27.19 8.41
CA LEU B 437 9.67 -26.48 7.20
C LEU B 437 8.90 -25.20 7.52
N LYS B 438 7.95 -25.30 8.45
CA LYS B 438 7.14 -24.15 8.84
C LYS B 438 7.97 -23.08 9.51
N ALA B 439 9.00 -23.48 10.24
CA ALA B 439 9.92 -22.50 10.84
C ALA B 439 10.67 -21.76 9.74
N LEU B 440 11.12 -22.49 8.72
CA LEU B 440 11.86 -21.87 7.62
C LEU B 440 10.93 -20.99 6.80
N ILE B 441 9.70 -21.44 6.58
CA ILE B 441 8.68 -20.63 5.91
C ILE B 441 8.48 -19.29 6.62
N GLN B 442 8.34 -19.31 7.94
CA GLN B 442 8.12 -18.09 8.72
C GLN B 442 9.34 -17.17 8.66
N ILE B 443 10.52 -17.77 8.69
CA ILE B 443 11.78 -17.06 8.59
C ILE B 443 11.93 -16.33 7.25
N LEU B 444 11.46 -16.95 6.17
CA LEU B 444 11.58 -16.36 4.84
C LEU B 444 10.55 -15.26 4.62
N ALA B 445 9.35 -15.44 5.18
CA ALA B 445 8.29 -14.44 5.08
C ALA B 445 8.67 -13.20 5.86
N ALA B 446 9.20 -13.39 7.06
CA ALA B 446 9.60 -12.28 7.92
C ALA B 446 10.75 -11.49 7.30
N ALA B 447 11.65 -12.20 6.63
CA ALA B 447 12.74 -11.59 5.88
C ALA B 447 12.22 -10.68 4.77
N ALA B 448 11.21 -11.14 4.03
CA ALA B 448 10.61 -10.37 2.96
C ALA B 448 9.90 -9.12 3.50
N ALA B 449 9.38 -9.23 4.72
CA ALA B 449 8.74 -8.13 5.42
C ALA B 449 9.73 -7.28 6.21
N GLU B 450 10.99 -7.72 6.22
CA GLU B 450 12.08 -7.05 6.95
C GLU B 450 11.83 -6.95 8.46
N ARG B 451 11.44 -8.07 9.06
CA ARG B 451 11.27 -8.17 10.51
C ARG B 451 12.13 -9.30 11.07
N ASP B 452 12.67 -9.06 12.26
CA ASP B 452 13.39 -10.10 13.00
C ASP B 452 12.40 -11.11 13.58
N VAL B 453 12.88 -12.33 13.81
CA VAL B 453 12.03 -13.42 14.27
C VAL B 453 12.44 -13.86 15.67
N VAL B 454 11.47 -13.88 16.57
CA VAL B 454 11.64 -14.53 17.86
C VAL B 454 10.79 -15.79 17.79
N TYR B 455 11.42 -16.94 18.00
CA TYR B 455 10.76 -18.23 17.79
C TYR B 455 10.77 -19.07 19.06
N PHE B 456 9.58 -19.50 19.50
CA PHE B 456 9.45 -20.34 20.69
C PHE B 456 9.10 -21.76 20.25
N THR B 457 9.81 -22.75 20.79
CA THR B 457 9.60 -24.16 20.39
C THR B 457 8.81 -24.99 21.41
N PHE B 458 8.51 -24.39 22.56
CA PHE B 458 7.70 -24.99 23.63
C PHE B 458 8.22 -26.36 24.09
N GLY B 459 9.35 -26.36 24.79
CA GLY B 459 9.92 -27.57 25.38
C GLY B 459 10.69 -28.49 24.44
N ASP B 460 10.88 -28.04 23.20
CA ASP B 460 11.57 -28.85 22.19
C ASP B 460 12.98 -28.29 21.95
N SER B 461 13.94 -28.79 22.69
CA SER B 461 15.32 -28.30 22.61
C SER B 461 16.02 -28.70 21.31
N GLU B 462 15.74 -29.90 20.81
CA GLU B 462 16.32 -30.32 19.53
C GLU B 462 15.85 -29.46 18.36
N LEU B 463 14.57 -29.09 18.37
CA LEU B 463 14.03 -28.20 17.34
C LEU B 463 14.63 -26.80 17.44
N MET B 464 14.92 -26.36 18.65
CA MET B 464 15.59 -25.08 18.90
C MET B 464 16.98 -25.05 18.26
N ARG B 465 17.78 -26.06 18.55
CA ARG B 465 19.10 -26.22 17.96
C ARG B 465 19.06 -26.29 16.44
N ASP B 466 18.19 -27.15 15.91
CA ASP B 466 18.12 -27.39 14.47
C ASP B 466 17.73 -26.14 13.69
N ILE B 467 16.81 -25.35 14.24
CA ILE B 467 16.42 -24.08 13.62
C ILE B 467 17.57 -23.07 13.66
N TYR B 468 18.21 -22.93 14.82
CA TYR B 468 19.33 -22.00 14.93
C TYR B 468 20.46 -22.37 13.96
N SER B 469 20.81 -23.66 13.93
CA SER B 469 21.86 -24.17 13.05
C SER B 469 21.58 -23.81 11.60
N MET B 470 20.37 -24.10 11.14
CA MET B 470 19.98 -23.85 9.76
C MET B 470 19.97 -22.36 9.42
N HIS B 471 19.46 -21.54 10.33
CA HIS B 471 19.44 -20.09 10.16
C HIS B 471 20.85 -19.51 10.09
N THR B 472 21.76 -20.04 10.92
CA THR B 472 23.14 -19.58 10.95
C THR B 472 23.83 -19.93 9.65
N PHE B 473 23.62 -21.17 9.20
CA PHE B 473 24.19 -21.68 7.98
C PHE B 473 23.80 -20.82 6.78
N LEU B 474 22.50 -20.62 6.58
CA LEU B 474 22.00 -19.82 5.46
C LEU B 474 22.41 -18.35 5.52
N THR B 475 22.59 -17.82 6.73
CA THR B 475 23.06 -16.44 6.92
C THR B 475 24.54 -16.27 6.57
N GLU B 476 25.38 -17.22 7.00
CA GLU B 476 26.83 -17.11 6.77
C GLU B 476 27.20 -17.34 5.31
N ARG B 477 26.47 -18.26 4.67
CA ARG B 477 26.67 -18.53 3.25
C ARG B 477 26.02 -17.46 2.38
N LYS B 478 25.47 -16.42 3.04
CA LYS B 478 24.85 -15.27 2.37
C LYS B 478 23.77 -15.66 1.37
N LEU B 479 22.92 -16.60 1.76
CA LEU B 479 21.78 -17.02 0.94
C LEU B 479 20.56 -16.15 1.24
N ASP B 480 20.04 -15.49 0.20
CA ASP B 480 18.84 -14.65 0.37
C ASP B 480 17.57 -15.45 0.12
N VAL B 481 16.42 -14.83 0.37
CA VAL B 481 15.12 -15.51 0.25
C VAL B 481 15.01 -16.34 -1.04
N GLY B 482 15.34 -15.73 -2.18
CA GLY B 482 15.23 -16.40 -3.47
C GLY B 482 15.99 -17.70 -3.56
N LYS B 483 17.19 -17.71 -3.00
CA LYS B 483 18.06 -18.88 -3.07
C LYS B 483 17.58 -20.00 -2.15
N VAL B 484 17.08 -19.63 -0.97
CA VAL B 484 16.53 -20.57 -0.01
C VAL B 484 15.25 -21.19 -0.58
N TYR B 485 14.39 -20.36 -1.17
CA TYR B 485 13.21 -20.87 -1.87
C TYR B 485 13.57 -21.88 -2.95
N LYS B 486 14.62 -21.60 -3.72
CA LYS B 486 15.03 -22.51 -4.80
C LYS B 486 15.46 -23.87 -4.26
N LEU B 487 15.96 -23.89 -3.04
CA LEU B 487 16.37 -25.13 -2.38
C LEU B 487 15.15 -25.99 -2.01
N LEU B 488 14.07 -25.32 -1.62
CA LEU B 488 12.80 -25.97 -1.32
C LEU B 488 12.17 -26.58 -2.57
N LEU B 489 12.40 -25.92 -3.71
CA LEU B 489 11.94 -26.43 -5.00
C LEU B 489 12.76 -27.63 -5.45
N ARG B 490 14.06 -27.58 -5.16
CA ARG B 490 14.95 -28.70 -5.42
C ARG B 490 14.58 -29.90 -4.54
N TYR B 491 14.29 -29.65 -3.27
CA TYR B 491 13.86 -30.70 -2.36
C TYR B 491 12.60 -31.37 -2.90
N TYR B 492 11.62 -30.57 -3.29
CA TYR B 492 10.39 -31.11 -3.84
C TYR B 492 10.65 -31.91 -5.11
N ASN B 493 11.41 -31.32 -6.04
CA ASN B 493 11.67 -31.92 -7.34
C ASN B 493 12.53 -33.19 -7.29
N GLU B 494 13.41 -33.28 -6.29
CA GLU B 494 14.40 -34.35 -6.23
C GLU B 494 14.14 -35.43 -5.17
N GLU B 495 13.32 -35.12 -4.17
CA GLU B 495 13.06 -36.07 -3.09
C GLU B 495 11.57 -36.34 -2.79
N CYS B 496 10.69 -35.42 -3.19
CA CYS B 496 9.26 -35.48 -2.86
C CYS B 496 8.34 -35.87 -4.02
N ARG B 497 8.58 -35.28 -5.19
CA ARG B 497 7.71 -35.42 -6.37
C ARG B 497 7.37 -36.89 -6.69
N ASN B 498 8.37 -37.76 -6.71
CA ASN B 498 8.16 -39.16 -7.06
C ASN B 498 8.33 -40.14 -5.90
N CYS B 499 8.25 -39.62 -4.67
CA CYS B 499 8.41 -40.41 -3.45
C CYS B 499 7.26 -41.42 -3.24
N SER B 500 7.62 -42.70 -3.13
CA SER B 500 6.64 -43.78 -2.93
C SER B 500 6.30 -44.01 -1.44
N THR B 501 7.02 -43.32 -0.57
CA THR B 501 6.81 -43.42 0.88
C THR B 501 6.19 -42.13 1.41
N PRO B 502 5.43 -42.22 2.53
CA PRO B 502 4.79 -41.05 3.16
C PRO B 502 5.74 -39.86 3.33
N GLY B 503 7.01 -40.14 3.60
CA GLY B 503 8.07 -39.14 3.66
C GLY B 503 9.30 -39.60 2.89
N PRO B 504 10.15 -38.66 2.46
CA PRO B 504 11.37 -39.01 1.74
C PRO B 504 12.47 -39.53 2.68
N ASP B 505 13.44 -40.26 2.12
CA ASP B 505 14.55 -40.83 2.91
C ASP B 505 15.46 -39.78 3.56
N ILE B 506 15.60 -38.63 2.90
CA ILE B 506 16.36 -37.52 3.48
C ILE B 506 15.44 -36.37 3.87
N LYS B 507 15.63 -35.85 5.08
CA LYS B 507 14.85 -34.72 5.59
C LYS B 507 15.29 -33.41 4.93
N LEU B 508 14.44 -32.39 5.04
CA LEU B 508 14.69 -31.08 4.42
C LEU B 508 16.02 -30.47 4.84
N TYR B 509 16.25 -30.39 6.15
CA TYR B 509 17.44 -29.74 6.67
C TYR B 509 18.71 -30.45 6.17
N PRO B 510 18.85 -31.77 6.43
CA PRO B 510 20.02 -32.46 5.89
C PRO B 510 20.21 -32.22 4.39
N PHE B 511 19.11 -32.17 3.64
CA PHE B 511 19.17 -31.92 2.20
C PHE B 511 19.71 -30.55 1.83
N ILE B 512 19.25 -29.51 2.52
CA ILE B 512 19.77 -28.15 2.30
C ILE B 512 21.28 -28.10 2.57
N TYR B 513 21.71 -28.66 3.72
CA TYR B 513 23.13 -28.71 4.04
C TYR B 513 23.95 -29.32 2.91
N HIS B 514 23.54 -30.51 2.45
CA HIS B 514 24.27 -31.21 1.40
C HIS B 514 24.23 -30.47 0.06
N ALA B 515 23.09 -29.86 -0.25
CA ALA B 515 22.92 -29.13 -1.50
C ALA B 515 23.89 -27.96 -1.59
N VAL B 516 24.07 -27.26 -0.47
CA VAL B 516 24.95 -26.10 -0.41
C VAL B 516 26.42 -26.51 -0.34
N GLU B 517 26.73 -27.50 0.48
CA GLU B 517 28.11 -27.97 0.70
C GLU B 517 28.77 -28.61 -0.53
N SER B 518 27.96 -29.11 -1.46
CA SER B 518 28.47 -29.70 -2.68
C SER B 518 28.10 -28.89 -3.94
N SER B 519 27.64 -27.66 -3.73
CA SER B 519 27.16 -26.81 -4.82
C SER B 519 28.31 -26.34 -5.74
N ALA B 520 29.44 -25.99 -5.15
CA ALA B 520 30.61 -25.46 -5.86
C ALA B 520 30.31 -24.17 -6.63
S SO4 C . -16.94 -2.76 -37.56
O1 SO4 C . -16.97 -3.97 -38.36
O2 SO4 C . -16.26 -2.99 -36.29
O3 SO4 C . -16.25 -1.73 -38.32
O4 SO4 C . -18.30 -2.31 -37.27
S SO4 D . 18.31 18.63 -28.67
O1 SO4 D . 18.88 19.60 -29.60
O2 SO4 D . 19.07 17.37 -28.76
O3 SO4 D . 18.39 19.16 -27.32
O4 SO4 D . 16.91 18.39 -29.00
S SO4 E . 28.75 23.42 -9.37
O1 SO4 E . 28.75 22.09 -9.96
O2 SO4 E . 29.38 23.39 -8.06
O3 SO4 E . 29.49 24.33 -10.24
O4 SO4 E . 27.38 23.92 -9.25
S SO4 F . -10.37 14.87 7.05
O1 SO4 F . -9.16 14.46 6.33
O2 SO4 F . -10.88 13.73 7.81
O3 SO4 F . -10.02 15.94 7.98
O4 SO4 F . -11.37 15.32 6.10
S SO4 G . 26.69 -23.12 21.33
O1 SO4 G . 25.94 -22.22 20.47
O2 SO4 G . 27.09 -24.32 20.59
O3 SO4 G . 27.88 -22.44 21.82
O4 SO4 G . 25.84 -23.52 22.45
S SO4 H . -15.35 -26.58 24.58
O1 SO4 H . -16.55 -26.76 23.77
O2 SO4 H . -14.30 -27.47 24.08
O3 SO4 H . -14.91 -25.20 24.48
O4 SO4 H . -15.63 -26.89 25.97
S SO4 I . -32.42 -15.20 15.15
O1 SO4 I . -33.17 -14.54 14.09
O2 SO4 I . -31.64 -16.31 14.58
O3 SO4 I . -31.50 -14.24 15.77
O4 SO4 I . -33.32 -15.70 16.17
S SO4 J . -1.64 15.37 12.21
O1 SO4 J . -0.91 16.03 11.15
O2 SO4 J . -0.88 14.21 12.70
O3 SO4 J . -1.86 16.30 13.32
O4 SO4 J . -2.93 14.94 11.69
#